data_9E35
#
_entry.id   9E35
#
_cell.length_a   68.784
_cell.length_b   86.097
_cell.length_c   113.423
_cell.angle_alpha   90.000
_cell.angle_beta   90.000
_cell.angle_gamma   90.000
#
_symmetry.space_group_name_H-M   'P 21 21 21'
#
loop_
_entity.id
_entity.type
_entity.pdbx_description
1 polymer 'Phosphoenolpyruvate carboxykinase [GTP]'
2 non-polymer 'MANGANESE (II) ION'
3 non-polymer SULFOPYRUVATE
4 non-polymer 'TRIETHYLENE GLYCOL'
5 non-polymer 'TETRAETHYLENE GLYCOL'
6 water water
#
_entity_poly.entity_id   1
_entity_poly.type   'polypeptide(L)'
_entity_poly.pdbx_seq_one_letter_code
;MNQPAMQGLNLNTPAYVKNAKLIAWVADMVALCKPDTVYWCDGSDAEYQRLCQQLVDAGTFKKLNEAKRPNSYLACSDPS
DVARVEDRTYICSAKEENAGPTNNWMEPSEMRATLQPLFDGCMRGRTMYVVPFSMGPLGSPIAHIGIELSDSPYVAVNMK
IMTRMGKAVFEVLGTEGDFVPCVHTVGAPLAEGEQDVTWPCNKTKYIVHYPETREIWSYGSGYGGNALLGKKCFALRIAS
NMGRDEGWLAEHMLILGVTNPEGKKYHVAAAFPSACGKTNFSMLVPPAGFDGWSVTTIGDDIAWIKPAADGKLYAINPEA
GYFGVAPGTNMLTNPNCMLSVRGNTIFTNVALTDDGDVWWEGMEQDAPGKALPDHLIDWQGKDWTPQIAKETGAKAAHPN
SRFTVAATNNPALDSAWDDPKGVAIDAFIFGGRRSTTVPLVTEARSWVEGVYMAATMGSETTAAATGQAGVVRRDPFAML
PFMGYNMSDYFQHWLDLGKKLAASGATLPKIYTTNWFRKGTDGKFVWPGYGENMRVLAWMIDRIEGKGQGEDHVTGISPS
YEDLNWTGLDFSADQFNTVTSIDKAAWLKELELHAELFKQLEHHLPKELGETKAEIERRLAA
;
_entity_poly.pdbx_strand_id   A
#
loop_
_chem_comp.id
_chem_comp.type
_chem_comp.name
_chem_comp.formula
MN non-polymer 'MANGANESE (II) ION' 'Mn 2'
PG4 non-polymer 'TETRAETHYLENE GLYCOL' 'C8 H18 O5'
PGE non-polymer 'TRIETHYLENE GLYCOL' 'C6 H14 O4'
SPV non-polymer SULFOPYRUVATE 'C3 H4 O6 S'
#
# COMPACT_ATOMS: atom_id res chain seq x y z
N GLY A 8 8.00 -0.72 39.68
CA GLY A 8 7.47 -1.39 38.50
C GLY A 8 8.42 -2.43 37.92
N LEU A 9 8.02 -3.08 36.83
CA LEU A 9 8.86 -4.10 36.22
C LEU A 9 10.12 -3.47 35.65
N ASN A 10 11.23 -4.21 35.74
CA ASN A 10 12.48 -3.76 35.15
C ASN A 10 12.31 -3.60 33.65
N LEU A 11 12.45 -2.36 33.15
CA LEU A 11 12.27 -2.11 31.73
C LEU A 11 13.49 -2.49 30.90
N ASN A 12 14.65 -2.64 31.55
CA ASN A 12 15.92 -2.88 30.84
C ASN A 12 16.23 -1.76 29.86
N THR A 13 15.89 -0.53 30.24
CA THR A 13 16.08 0.63 29.37
C THR A 13 17.55 0.84 29.02
N PRO A 14 17.93 0.77 27.75
CA PRO A 14 19.33 1.00 27.39
C PRO A 14 19.80 2.41 27.75
N ALA A 15 21.11 2.54 27.90
CA ALA A 15 21.68 3.83 28.27
C ALA A 15 21.52 4.89 27.19
N TYR A 16 21.33 4.49 25.93
CA TYR A 16 21.19 5.48 24.86
C TYR A 16 19.80 6.09 24.77
N VAL A 17 18.86 5.68 25.64
CA VAL A 17 17.52 6.26 25.68
C VAL A 17 17.53 7.42 26.67
N LYS A 18 17.50 8.65 26.15
CA LYS A 18 17.59 9.85 26.96
C LYS A 18 16.26 10.59 27.11
N ASN A 19 15.16 10.01 26.61
CA ASN A 19 13.87 10.69 26.54
C ASN A 19 13.01 10.28 27.73
N ALA A 20 12.84 11.20 28.68
CA ALA A 20 12.15 10.86 29.92
C ALA A 20 10.68 10.53 29.65
N LYS A 21 10.02 11.32 28.80
CA LYS A 21 8.59 11.07 28.56
C LYS A 21 8.37 9.71 27.90
N LEU A 22 9.26 9.32 26.99
CA LEU A 22 9.14 8.03 26.33
C LEU A 22 9.24 6.88 27.34
N ILE A 23 10.21 6.96 28.26
CA ILE A 23 10.39 5.90 29.25
C ILE A 23 9.15 5.76 30.12
N ALA A 24 8.63 6.91 30.58
CA ALA A 24 7.39 6.92 31.36
C ALA A 24 6.24 6.24 30.61
N TRP A 25 6.14 6.51 29.31
CA TRP A 25 5.07 5.90 28.52
C TRP A 25 5.23 4.37 28.46
N VAL A 26 6.44 3.90 28.17
CA VAL A 26 6.69 2.46 28.19
C VAL A 26 6.35 1.86 29.54
N ALA A 27 6.77 2.51 30.64
CA ALA A 27 6.44 1.99 31.97
C ALA A 27 4.94 1.87 32.16
N ASP A 28 4.19 2.87 31.69
CA ASP A 28 2.74 2.82 31.82
C ASP A 28 2.15 1.69 31.00
N MET A 29 2.69 1.44 29.79
CA MET A 29 2.15 0.37 28.96
C MET A 29 2.53 -1.01 29.50
N VAL A 30 3.71 -1.13 30.10
CA VAL A 30 4.11 -2.39 30.73
C VAL A 30 3.23 -2.69 31.94
N ALA A 31 2.89 -1.66 32.72
CA ALA A 31 1.96 -1.87 33.83
C ALA A 31 0.61 -2.38 33.32
N LEU A 32 0.15 -1.90 32.16
CA LEU A 32 -1.14 -2.30 31.64
C LEU A 32 -1.08 -3.69 31.02
N CYS A 33 -0.13 -3.92 30.11
CA CYS A 33 -0.11 -5.17 29.35
C CYS A 33 0.50 -6.32 30.13
N LYS A 34 1.36 -6.01 31.12
CA LYS A 34 1.98 -6.97 32.02
C LYS A 34 2.76 -8.06 31.30
N PRO A 35 3.73 -7.72 30.44
CA PRO A 35 4.57 -8.76 29.84
C PRO A 35 5.47 -9.38 30.89
N ASP A 36 5.95 -10.58 30.59
CA ASP A 36 6.93 -11.22 31.46
C ASP A 36 8.23 -10.42 31.50
N THR A 37 8.71 -9.98 30.32
CA THR A 37 9.97 -9.25 30.20
C THR A 37 9.83 -8.19 29.11
N VAL A 38 10.80 -7.27 29.09
CA VAL A 38 10.87 -6.20 28.11
C VAL A 38 12.20 -6.28 27.38
N TYR A 39 12.17 -6.15 26.05
CA TYR A 39 13.37 -6.15 25.22
C TYR A 39 13.35 -4.95 24.26
N TRP A 40 14.43 -4.16 24.27
CA TRP A 40 14.53 -2.98 23.41
C TRP A 40 15.28 -3.34 22.14
N CYS A 41 14.63 -3.15 20.99
CA CYS A 41 15.25 -3.54 19.72
C CYS A 41 16.26 -2.50 19.27
N ASP A 42 17.49 -2.94 19.01
CA ASP A 42 18.52 -1.99 18.60
C ASP A 42 18.67 -1.90 17.10
N GLY A 43 18.05 -2.79 16.34
CA GLY A 43 18.01 -2.70 14.90
C GLY A 43 19.20 -3.27 14.18
N SER A 44 20.16 -3.86 14.88
CA SER A 44 21.35 -4.38 14.22
C SER A 44 20.99 -5.61 13.38
N ASP A 45 21.89 -5.92 12.43
CA ASP A 45 21.78 -7.19 11.72
C ASP A 45 21.94 -8.38 12.65
N ALA A 46 22.84 -8.28 13.63
CA ALA A 46 23.01 -9.38 14.59
C ALA A 46 21.72 -9.68 15.34
N GLU A 47 21.03 -8.64 15.80
CA GLU A 47 19.75 -8.83 16.47
C GLU A 47 18.71 -9.46 15.55
N TYR A 48 18.64 -9.00 14.29
CA TYR A 48 17.72 -9.58 13.31
C TYR A 48 17.91 -11.09 13.21
N GLN A 49 19.17 -11.53 13.10
CA GLN A 49 19.44 -12.95 12.99
C GLN A 49 19.05 -13.69 14.27
N ARG A 50 19.29 -13.07 15.43
CA ARG A 50 18.88 -13.69 16.68
C ARG A 50 17.37 -13.84 16.75
N LEU A 51 16.63 -12.79 16.36
CA LEU A 51 15.16 -12.88 16.42
C LEU A 51 14.62 -13.85 15.39
N CYS A 52 15.25 -13.92 14.20
CA CYS A 52 14.85 -14.92 13.22
C CYS A 52 15.06 -16.33 13.77
N GLN A 53 16.22 -16.59 14.41
CA GLN A 53 16.46 -17.91 14.98
C GLN A 53 15.46 -18.21 16.08
N GLN A 54 15.07 -17.20 16.86
CA GLN A 54 14.03 -17.37 17.86
C GLN A 54 12.72 -17.77 17.20
N LEU A 55 12.37 -17.12 16.09
CA LEU A 55 11.13 -17.49 15.38
C LEU A 55 11.20 -18.91 14.83
N VAL A 56 12.39 -19.34 14.42
CA VAL A 56 12.53 -20.73 13.96
C VAL A 56 12.25 -21.70 15.11
N ASP A 57 12.80 -21.43 16.29
CA ASP A 57 12.58 -22.29 17.46
C ASP A 57 11.09 -22.38 17.80
N ALA A 58 10.36 -21.28 17.67
CA ALA A 58 8.94 -21.29 17.99
C ALA A 58 8.09 -21.99 16.93
N GLY A 59 8.67 -22.34 15.78
CA GLY A 59 7.89 -22.91 14.69
C GLY A 59 7.20 -21.88 13.80
N THR A 60 7.28 -20.59 14.13
CA THR A 60 6.67 -19.56 13.29
C THR A 60 7.40 -19.42 11.97
N PHE A 61 8.73 -19.53 11.99
CA PHE A 61 9.58 -19.43 10.82
C PHE A 61 10.13 -20.79 10.45
N LYS A 62 10.21 -21.04 9.15
CA LYS A 62 11.05 -22.10 8.59
C LYS A 62 12.14 -21.43 7.76
N LYS A 63 13.39 -21.78 8.02
CA LYS A 63 14.49 -21.21 7.25
C LYS A 63 14.58 -21.90 5.89
N LEU A 64 14.70 -21.11 4.84
CA LEU A 64 14.72 -21.71 3.52
C LEU A 64 16.14 -22.18 3.17
N ASN A 65 16.20 -23.05 2.17
CA ASN A 65 17.45 -23.62 1.70
C ASN A 65 18.42 -22.51 1.33
N GLU A 66 19.58 -22.49 1.99
CA GLU A 66 20.54 -21.40 1.79
C GLU A 66 21.08 -21.36 0.36
N ALA A 67 21.17 -22.51 -0.30
CA ALA A 67 21.68 -22.53 -1.67
C ALA A 67 20.68 -21.93 -2.65
N LYS A 68 19.39 -22.02 -2.35
CA LYS A 68 18.37 -21.53 -3.27
C LYS A 68 17.81 -20.15 -2.90
N ARG A 69 17.89 -19.75 -1.64
CA ARG A 69 17.22 -18.54 -1.16
C ARG A 69 17.96 -18.05 0.06
N PRO A 70 19.13 -17.41 -0.13
CA PRO A 70 20.00 -17.03 1.00
C PRO A 70 19.29 -16.16 2.03
N ASN A 71 19.54 -16.47 3.30
CA ASN A 71 19.08 -15.68 4.46
C ASN A 71 17.62 -15.28 4.33
N SER A 72 16.76 -16.29 4.07
CA SER A 72 15.34 -16.07 3.88
C SER A 72 14.53 -17.07 4.69
N TYR A 73 13.33 -16.64 5.08
CA TYR A 73 12.45 -17.40 5.97
C TYR A 73 11.02 -17.42 5.43
N LEU A 74 10.28 -18.47 5.80
CA LEU A 74 8.87 -18.60 5.46
C LEU A 74 8.04 -18.71 6.74
N ALA A 75 6.99 -17.89 6.83
CA ALA A 75 6.02 -17.97 7.92
C ALA A 75 4.64 -18.30 7.34
N CYS A 76 3.86 -19.05 8.10
CA CYS A 76 2.47 -19.36 7.73
C CYS A 76 1.56 -18.98 8.89
N SER A 77 0.46 -18.31 8.57
CA SER A 77 -0.42 -17.75 9.58
C SER A 77 -1.68 -18.59 9.77
N ASP A 78 -2.36 -18.30 10.87
CA ASP A 78 -3.68 -18.87 11.16
C ASP A 78 -4.67 -18.43 10.09
N PRO A 79 -5.54 -19.31 9.61
CA PRO A 79 -6.42 -18.95 8.48
C PRO A 79 -7.40 -17.84 8.79
N SER A 80 -7.61 -17.51 10.06
CA SER A 80 -8.41 -16.36 10.43
C SER A 80 -7.63 -15.05 10.38
N ASP A 81 -6.33 -15.10 10.11
CA ASP A 81 -5.47 -13.93 10.22
C ASP A 81 -4.56 -13.88 8.98
N VAL A 82 -5.17 -13.53 7.83
CA VAL A 82 -4.47 -13.56 6.55
C VAL A 82 -4.53 -12.22 5.81
N ALA A 83 -5.27 -11.24 6.32
CA ALA A 83 -5.44 -9.98 5.60
C ALA A 83 -5.91 -8.90 6.56
N ARG A 84 -6.00 -7.67 6.04
CA ARG A 84 -6.55 -6.58 6.81
C ARG A 84 -8.03 -6.82 7.13
N VAL A 85 -8.49 -6.34 8.27
CA VAL A 85 -9.90 -6.45 8.62
C VAL A 85 -10.49 -5.05 8.68
N GLU A 86 -11.14 -4.62 7.58
CA GLU A 86 -11.56 -3.24 7.50
C GLU A 86 -12.72 -2.94 8.45
N ASP A 87 -13.57 -3.93 8.71
CA ASP A 87 -14.69 -3.71 9.61
C ASP A 87 -14.27 -3.54 11.07
N ARG A 88 -13.05 -3.94 11.42
CA ARG A 88 -12.54 -3.82 12.78
C ARG A 88 -11.56 -2.67 12.94
N THR A 89 -11.50 -1.76 11.95
CA THR A 89 -10.57 -0.66 11.91
C THR A 89 -11.34 0.64 12.13
N TYR A 90 -10.91 1.45 13.11
CA TYR A 90 -11.68 2.59 13.61
C TYR A 90 -10.87 3.87 13.62
N ILE A 91 -11.55 4.98 13.34
CA ILE A 91 -11.03 6.33 13.53
C ILE A 91 -11.84 6.94 14.66
N CYS A 92 -11.23 7.07 15.84
CA CYS A 92 -11.96 7.54 17.03
C CYS A 92 -11.60 9.00 17.32
N SER A 93 -12.04 9.86 16.42
CA SER A 93 -11.96 11.30 16.57
C SER A 93 -12.97 11.77 17.60
N ALA A 94 -12.71 12.95 18.17
CA ALA A 94 -13.60 13.50 19.19
C ALA A 94 -15.02 13.65 18.67
N LYS A 95 -15.18 14.09 17.43
CA LYS A 95 -16.48 14.23 16.80
C LYS A 95 -16.63 13.23 15.68
N GLU A 96 -17.82 12.65 15.56
CA GLU A 96 -18.04 11.63 14.53
C GLU A 96 -17.90 12.19 13.12
N GLU A 97 -18.25 13.47 12.91
CA GLU A 97 -18.16 14.07 11.59
C GLU A 97 -16.73 14.12 11.06
N ASN A 98 -15.74 14.05 11.93
CA ASN A 98 -14.34 14.03 11.54
C ASN A 98 -13.80 12.62 11.31
N ALA A 99 -14.62 11.60 11.48
CA ALA A 99 -14.34 10.28 10.88
C ALA A 99 -15.00 10.16 9.52
N GLY A 100 -16.28 10.53 9.43
CA GLY A 100 -17.00 10.55 8.19
C GLY A 100 -17.57 9.21 7.79
N PRO A 101 -18.38 9.20 6.72
CA PRO A 101 -19.10 7.97 6.35
C PRO A 101 -18.21 6.84 5.86
N THR A 102 -16.98 7.11 5.41
CA THR A 102 -16.12 6.02 4.94
C THR A 102 -15.35 5.34 6.05
N ASN A 103 -15.45 5.80 7.29
CA ASN A 103 -14.72 5.23 8.41
C ASN A 103 -15.70 4.69 9.45
N ASN A 104 -15.20 3.78 10.28
CA ASN A 104 -15.93 3.30 11.44
C ASN A 104 -15.53 4.12 12.66
N TRP A 105 -16.53 4.68 13.34
CA TRP A 105 -16.29 5.60 14.44
C TRP A 105 -16.87 5.05 15.74
N MET A 106 -16.28 5.47 16.85
CA MET A 106 -16.85 5.25 18.17
C MET A 106 -16.37 6.37 19.07
N GLU A 107 -17.25 6.84 19.95
CA GLU A 107 -16.87 7.84 20.94
C GLU A 107 -15.57 7.42 21.62
N PRO A 108 -14.55 8.28 21.67
CA PRO A 108 -13.24 7.83 22.16
C PRO A 108 -13.27 7.24 23.57
N SER A 109 -13.90 7.93 24.52
CA SER A 109 -13.98 7.38 25.88
C SER A 109 -14.65 6.01 25.89
N GLU A 110 -15.59 5.78 24.97
CA GLU A 110 -16.27 4.50 24.90
C GLU A 110 -15.37 3.41 24.31
N MET A 111 -14.52 3.78 23.34
CA MET A 111 -13.55 2.81 22.83
C MET A 111 -12.44 2.56 23.84
N ARG A 112 -12.04 3.60 24.57
CA ARG A 112 -11.03 3.40 25.61
C ARG A 112 -11.51 2.44 26.68
N ALA A 113 -12.81 2.50 27.00
CA ALA A 113 -13.39 1.56 27.97
C ALA A 113 -13.55 0.16 27.39
N THR A 114 -13.64 0.04 26.07
CA THR A 114 -13.75 -1.27 25.43
C THR A 114 -12.41 -1.98 25.37
N LEU A 115 -11.33 -1.23 25.13
CA LEU A 115 -10.02 -1.83 24.89
C LEU A 115 -9.25 -2.09 26.18
N GLN A 116 -9.45 -1.25 27.19
CA GLN A 116 -8.71 -1.39 28.44
C GLN A 116 -8.76 -2.80 29.03
N PRO A 117 -9.91 -3.47 29.12
CA PRO A 117 -9.90 -4.87 29.56
C PRO A 117 -9.17 -5.81 28.61
N LEU A 118 -9.20 -5.53 27.29
CA LEU A 118 -8.53 -6.40 26.34
C LEU A 118 -7.01 -6.30 26.48
N PHE A 119 -6.49 -5.09 26.69
CA PHE A 119 -5.04 -4.92 26.83
C PHE A 119 -4.54 -5.17 28.25
N ASP A 120 -5.41 -5.13 29.26
CA ASP A 120 -5.03 -5.41 30.64
C ASP A 120 -4.53 -6.85 30.73
N GLY A 121 -3.22 -7.03 30.83
CA GLY A 121 -2.65 -8.36 30.92
C GLY A 121 -2.53 -9.12 29.62
N CYS A 122 -2.59 -8.43 28.47
CA CYS A 122 -2.59 -9.10 27.18
C CYS A 122 -1.27 -9.82 26.90
N MET A 123 -0.17 -9.39 27.51
CA MET A 123 1.14 -9.96 27.21
C MET A 123 1.67 -10.88 28.31
N ARG A 124 0.80 -11.38 29.19
CA ARG A 124 1.26 -12.35 30.18
C ARG A 124 1.83 -13.57 29.48
N GLY A 125 3.00 -14.02 29.93
CA GLY A 125 3.68 -15.15 29.31
C GLY A 125 4.47 -14.81 28.07
N ARG A 126 4.59 -13.53 27.71
CA ARG A 126 5.27 -13.12 26.49
C ARG A 126 6.22 -11.96 26.77
N THR A 127 7.07 -11.67 25.80
N THR A 127 7.08 -11.68 25.79
CA THR A 127 7.99 -10.54 25.84
CA THR A 127 7.99 -10.54 25.84
C THR A 127 7.40 -9.35 25.12
C THR A 127 7.39 -9.34 25.12
N MET A 128 7.56 -8.16 25.71
CA MET A 128 7.22 -6.91 25.03
C MET A 128 8.47 -6.41 24.32
N TYR A 129 8.41 -6.32 22.99
CA TYR A 129 9.49 -5.77 22.19
C TYR A 129 9.25 -4.29 21.98
N VAL A 130 10.26 -3.47 22.24
CA VAL A 130 10.19 -2.05 21.96
C VAL A 130 10.85 -1.81 20.61
N VAL A 131 10.06 -1.35 19.64
CA VAL A 131 10.49 -1.21 18.25
C VAL A 131 10.51 0.27 17.88
N PRO A 132 11.64 0.97 18.01
CA PRO A 132 11.72 2.38 17.60
C PRO A 132 11.94 2.49 16.11
N PHE A 133 11.27 3.45 15.46
CA PHE A 133 11.41 3.56 14.01
C PHE A 133 11.19 4.98 13.51
N SER A 134 11.75 5.25 12.34
CA SER A 134 11.59 6.53 11.65
C SER A 134 10.93 6.29 10.31
N MET A 135 9.82 6.98 10.06
CA MET A 135 9.21 7.02 8.74
C MET A 135 9.78 8.23 8.03
N GLY A 136 10.46 8.00 6.91
CA GLY A 136 11.29 9.00 6.28
C GLY A 136 12.74 8.84 6.72
N PRO A 137 13.68 9.41 5.95
CA PRO A 137 15.11 9.25 6.29
C PRO A 137 15.45 9.76 7.68
N LEU A 138 16.42 9.10 8.30
CA LEU A 138 16.69 9.31 9.72
C LEU A 138 17.25 10.70 9.95
N GLY A 139 16.58 11.47 10.81
CA GLY A 139 17.02 12.81 11.14
C GLY A 139 16.77 13.87 10.08
N SER A 140 16.02 13.55 9.02
CA SER A 140 15.73 14.54 7.98
C SER A 140 14.55 15.42 8.39
N PRO A 141 14.40 16.60 7.77
CA PRO A 141 13.34 17.52 8.19
C PRO A 141 11.93 16.99 7.99
N ILE A 142 11.74 16.02 7.10
CA ILE A 142 10.40 15.51 6.80
C ILE A 142 10.08 14.22 7.54
N ALA A 143 10.99 13.71 8.36
CA ALA A 143 10.79 12.41 9.00
C ALA A 143 9.99 12.53 10.30
N HIS A 144 9.29 11.45 10.66
CA HIS A 144 8.56 11.37 11.90
C HIS A 144 8.84 10.03 12.54
N ILE A 145 8.97 10.03 13.87
CA ILE A 145 9.39 8.86 14.64
C ILE A 145 8.19 8.21 15.33
N GLY A 146 8.16 6.88 15.31
CA GLY A 146 7.21 6.13 16.10
C GLY A 146 7.92 5.13 16.99
N ILE A 147 7.21 4.72 18.04
CA ILE A 147 7.61 3.59 18.88
C ILE A 147 6.45 2.60 18.89
N GLU A 148 6.71 1.37 18.47
CA GLU A 148 5.70 0.31 18.54
C GLU A 148 6.12 -0.67 19.64
N LEU A 149 5.25 -0.83 20.62
CA LEU A 149 5.38 -1.89 21.60
C LEU A 149 4.59 -3.09 21.09
N SER A 150 5.24 -4.24 20.96
CA SER A 150 4.58 -5.42 20.42
C SER A 150 5.04 -6.67 21.15
N ASP A 151 4.17 -7.69 21.19
CA ASP A 151 4.60 -8.99 21.71
C ASP A 151 4.85 -10.00 20.61
N SER A 152 5.02 -9.54 19.38
CA SER A 152 5.29 -10.42 18.24
C SER A 152 6.71 -10.19 17.73
N PRO A 153 7.61 -11.16 17.86
CA PRO A 153 8.91 -11.01 17.18
C PRO A 153 8.79 -10.96 15.66
N TYR A 154 7.73 -11.55 15.09
CA TYR A 154 7.49 -11.41 13.65
C TYR A 154 7.32 -9.93 13.27
N VAL A 155 6.64 -9.15 14.12
CA VAL A 155 6.51 -7.70 13.87
C VAL A 155 7.87 -7.03 13.90
N ALA A 156 8.70 -7.39 14.89
CA ALA A 156 10.00 -6.74 15.06
C ALA A 156 10.88 -6.95 13.83
N VAL A 157 10.97 -8.17 13.32
CA VAL A 157 11.87 -8.38 12.17
C VAL A 157 11.30 -7.77 10.90
N ASN A 158 9.97 -7.80 10.72
CA ASN A 158 9.40 -7.18 9.53
C ASN A 158 9.56 -5.66 9.57
N MET A 159 9.43 -5.07 10.77
CA MET A 159 9.66 -3.63 10.94
C MET A 159 11.11 -3.24 10.64
N LYS A 160 12.07 -4.14 10.89
CA LYS A 160 13.46 -3.84 10.58
C LYS A 160 13.65 -3.61 9.09
N ILE A 161 12.93 -4.38 8.26
CA ILE A 161 13.00 -4.26 6.80
C ILE A 161 12.18 -3.08 6.30
N MET A 162 10.96 -2.90 6.85
CA MET A 162 10.03 -1.94 6.27
C MET A 162 10.24 -0.50 6.75
N THR A 163 11.00 -0.28 7.82
CA THR A 163 11.26 1.04 8.37
C THR A 163 12.75 1.17 8.67
N ARG A 164 13.15 2.39 9.05
CA ARG A 164 14.47 2.64 9.64
C ARG A 164 14.33 2.45 11.15
N MET A 165 14.83 1.31 11.66
CA MET A 165 14.48 0.81 12.98
C MET A 165 15.72 0.71 13.88
N GLY A 166 15.58 1.10 15.16
CA GLY A 166 16.57 0.72 16.12
C GLY A 166 17.19 1.90 16.86
N LYS A 167 18.39 1.66 17.42
CA LYS A 167 18.93 2.57 18.43
C LYS A 167 19.24 3.95 17.86
N ALA A 168 19.54 4.07 16.56
CA ALA A 168 19.86 5.38 15.99
C ALA A 168 18.68 6.35 16.08
N VAL A 169 17.46 5.83 16.25
CA VAL A 169 16.28 6.67 16.44
C VAL A 169 16.43 7.53 17.69
N PHE A 170 17.05 7.00 18.74
CA PHE A 170 17.09 7.74 19.99
C PHE A 170 18.06 8.90 19.93
N GLU A 171 19.07 8.83 19.08
CA GLU A 171 19.90 10.01 18.80
C GLU A 171 19.07 11.13 18.22
N VAL A 172 18.11 10.81 17.34
CA VAL A 172 17.26 11.85 16.76
C VAL A 172 16.28 12.37 17.80
N LEU A 173 15.63 11.45 18.53
N LEU A 173 15.66 11.46 18.56
CA LEU A 173 14.67 11.86 19.56
CA LEU A 173 14.67 11.87 19.55
C LEU A 173 15.30 12.78 20.61
C LEU A 173 15.29 12.76 20.63
N GLY A 174 16.52 12.45 21.05
CA GLY A 174 17.13 13.25 22.09
C GLY A 174 16.36 13.15 23.39
N THR A 175 16.43 14.22 24.19
CA THR A 175 15.74 14.26 25.48
C THR A 175 14.28 14.70 25.38
N GLU A 176 13.91 15.41 24.31
CA GLU A 176 12.61 16.07 24.24
C GLU A 176 11.79 15.78 22.98
N GLY A 177 12.33 15.08 22.00
CA GLY A 177 11.58 14.84 20.77
C GLY A 177 10.26 14.11 21.03
N ASP A 178 9.28 14.39 20.20
CA ASP A 178 7.99 13.74 20.32
C ASP A 178 7.95 12.50 19.42
N PHE A 179 6.97 11.63 19.66
CA PHE A 179 6.87 10.38 18.92
C PHE A 179 5.42 9.92 18.86
N VAL A 180 5.12 9.13 17.83
CA VAL A 180 3.80 8.50 17.65
C VAL A 180 3.72 7.23 18.51
N PRO A 181 2.80 7.16 19.49
CA PRO A 181 2.75 5.98 20.36
C PRO A 181 1.89 4.84 19.83
N CYS A 182 2.50 3.67 19.63
CA CYS A 182 1.84 2.52 19.03
C CYS A 182 1.94 1.33 19.96
N VAL A 183 0.81 0.67 20.21
CA VAL A 183 0.76 -0.53 21.04
C VAL A 183 0.12 -1.65 20.23
N HIS A 184 0.75 -2.82 20.23
CA HIS A 184 0.26 -3.98 19.51
C HIS A 184 0.35 -5.24 20.35
N THR A 185 -0.71 -6.04 20.34
CA THR A 185 -0.67 -7.39 20.91
C THR A 185 -1.44 -8.36 20.04
N VAL A 186 -0.92 -9.59 19.93
CA VAL A 186 -1.68 -10.65 19.27
C VAL A 186 -2.86 -11.13 20.09
N GLY A 187 -2.97 -10.68 21.34
CA GLY A 187 -4.15 -10.96 22.15
C GLY A 187 -4.30 -12.42 22.51
N ALA A 188 -3.20 -13.07 22.90
CA ALA A 188 -3.19 -14.49 23.25
C ALA A 188 -2.26 -14.73 24.43
N PRO A 189 -2.55 -14.14 25.58
CA PRO A 189 -1.67 -14.31 26.74
C PRO A 189 -1.56 -15.77 27.13
N LEU A 190 -0.38 -16.15 27.63
CA LEU A 190 -0.06 -17.54 27.91
C LEU A 190 -0.03 -17.78 29.41
N ALA A 191 -0.62 -18.89 29.84
CA ALA A 191 -0.50 -19.27 31.24
C ALA A 191 0.86 -19.92 31.51
N GLU A 192 1.27 -19.89 32.78
CA GLU A 192 2.48 -20.56 33.20
C GLU A 192 2.48 -22.00 32.72
N GLY A 193 3.49 -22.37 31.93
CA GLY A 193 3.58 -23.71 31.40
C GLY A 193 2.67 -24.00 30.22
N GLU A 194 1.94 -23.02 29.70
CA GLU A 194 1.06 -23.26 28.57
C GLU A 194 1.87 -23.35 27.29
N GLN A 195 1.47 -24.28 26.42
CA GLN A 195 2.11 -24.44 25.12
C GLN A 195 1.60 -23.37 24.16
N ASP A 196 2.52 -22.61 23.55
CA ASP A 196 2.14 -21.62 22.56
C ASP A 196 1.85 -22.28 21.21
N VAL A 197 1.33 -21.49 20.29
CA VAL A 197 1.06 -21.92 18.92
C VAL A 197 2.05 -21.21 17.99
N THR A 198 2.12 -21.68 16.75
CA THR A 198 3.12 -21.11 15.83
C THR A 198 2.73 -19.71 15.36
N TRP A 199 1.43 -19.39 15.31
CA TRP A 199 0.94 -18.08 14.90
C TRP A 199 -0.13 -17.62 15.88
N PRO A 200 0.28 -17.04 17.01
CA PRO A 200 -0.73 -16.56 17.98
C PRO A 200 -1.54 -15.41 17.42
N CYS A 201 -2.84 -15.41 17.73
CA CYS A 201 -3.76 -14.38 17.27
C CYS A 201 -5.05 -14.54 18.06
N ASN A 202 -6.02 -13.66 17.79
CA ASN A 202 -7.31 -13.71 18.45
C ASN A 202 -8.40 -13.57 17.39
N LYS A 203 -9.50 -14.29 17.57
CA LYS A 203 -10.62 -14.12 16.66
C LYS A 203 -11.20 -12.72 16.75
N THR A 204 -11.08 -12.09 17.92
CA THR A 204 -11.52 -10.73 18.15
C THR A 204 -10.39 -9.78 17.83
N LYS A 205 -10.66 -8.79 16.98
CA LYS A 205 -9.64 -7.86 16.52
C LYS A 205 -10.13 -6.43 16.57
N TYR A 206 -9.24 -5.52 16.93
CA TYR A 206 -9.45 -4.08 16.87
C TYR A 206 -8.17 -3.42 16.41
N ILE A 207 -8.30 -2.46 15.49
CA ILE A 207 -7.20 -1.61 15.03
C ILE A 207 -7.73 -0.18 15.14
N VAL A 208 -7.25 0.56 16.14
CA VAL A 208 -7.92 1.79 16.57
C VAL A 208 -6.96 2.96 16.51
N HIS A 209 -7.46 4.11 16.05
CA HIS A 209 -6.66 5.32 15.87
C HIS A 209 -7.35 6.47 16.60
N TYR A 210 -6.62 7.16 17.49
CA TYR A 210 -7.10 8.37 18.14
C TYR A 210 -6.37 9.57 17.55
N PRO A 211 -6.95 10.27 16.56
CA PRO A 211 -6.19 11.33 15.86
C PRO A 211 -5.71 12.46 16.74
N GLU A 212 -6.49 12.85 17.77
CA GLU A 212 -6.12 14.00 18.60
C GLU A 212 -4.84 13.76 19.37
N THR A 213 -4.57 12.51 19.77
CA THR A 213 -3.37 12.14 20.50
C THR A 213 -2.36 11.40 19.64
N ARG A 214 -2.71 11.07 18.39
CA ARG A 214 -1.88 10.29 17.47
C ARG A 214 -1.65 8.85 17.97
N GLU A 215 -2.48 8.37 18.90
CA GLU A 215 -2.35 7.01 19.43
C GLU A 215 -2.84 5.96 18.45
N ILE A 216 -2.16 4.81 18.41
CA ILE A 216 -2.56 3.66 17.63
C ILE A 216 -2.57 2.43 18.55
N TRP A 217 -3.69 1.71 18.58
CA TRP A 217 -3.83 0.52 19.39
C TRP A 217 -4.29 -0.62 18.49
N SER A 218 -3.56 -1.73 18.49
CA SER A 218 -3.88 -2.87 17.65
C SER A 218 -3.95 -4.15 18.47
N TYR A 219 -5.03 -4.89 18.30
CA TYR A 219 -5.28 -6.06 19.13
C TYR A 219 -5.75 -7.23 18.27
N GLY A 220 -5.10 -8.39 18.40
CA GLY A 220 -5.63 -9.64 17.92
C GLY A 220 -5.06 -10.16 16.62
N SER A 221 -4.45 -9.31 15.79
CA SER A 221 -3.88 -9.73 14.52
C SER A 221 -2.37 -9.53 14.53
N GLY A 222 -1.66 -10.52 14.02
CA GLY A 222 -0.24 -10.39 13.77
C GLY A 222 0.12 -10.11 12.33
N TYR A 223 -0.86 -9.79 11.48
CA TYR A 223 -0.67 -9.84 10.04
C TYR A 223 -0.50 -8.45 9.46
N GLY A 224 0.53 -8.27 8.64
CA GLY A 224 0.68 -7.13 7.75
C GLY A 224 0.23 -5.78 8.26
N GLY A 225 -0.65 -5.12 7.51
CA GLY A 225 -1.06 -3.76 7.87
C GLY A 225 -1.85 -3.65 9.16
N ASN A 226 -2.33 -4.77 9.72
CA ASN A 226 -2.95 -4.74 11.05
C ASN A 226 -1.92 -4.56 12.15
N ALA A 227 -0.68 -5.00 11.92
CA ALA A 227 0.30 -5.17 12.98
C ALA A 227 1.60 -4.42 12.76
N LEU A 228 2.00 -4.17 11.51
CA LEU A 228 3.15 -3.32 11.22
C LEU A 228 2.63 -1.89 11.24
N LEU A 229 2.74 -1.24 12.40
CA LEU A 229 1.92 -0.05 12.61
C LEU A 229 2.50 1.21 11.99
N GLY A 230 3.74 1.19 11.51
CA GLY A 230 4.25 2.36 10.81
C GLY A 230 3.61 2.56 9.45
N LYS A 231 3.15 1.47 8.82
CA LYS A 231 2.80 1.45 7.41
C LYS A 231 1.45 2.12 7.14
N LYS A 232 0.35 1.45 7.49
CA LYS A 232 -0.95 2.02 7.20
C LYS A 232 -1.45 2.91 8.34
N CYS A 233 -1.35 2.44 9.59
CA CYS A 233 -1.92 3.18 10.71
C CYS A 233 -1.25 4.55 10.86
N PHE A 234 0.07 4.56 10.86
CA PHE A 234 0.81 5.81 10.97
C PHE A 234 0.92 6.51 9.61
N ALA A 235 1.65 5.92 8.66
CA ALA A 235 2.05 6.70 7.48
C ALA A 235 0.90 7.05 6.54
N LEU A 236 -0.28 6.46 6.70
CA LEU A 236 -1.46 6.95 6.00
C LEU A 236 -2.51 7.52 6.95
N ARG A 237 -3.03 6.74 7.90
CA ARG A 237 -4.20 7.22 8.65
C ARG A 237 -3.82 8.40 9.55
N ILE A 238 -2.80 8.24 10.39
CA ILE A 238 -2.40 9.36 11.25
C ILE A 238 -1.75 10.47 10.43
N ALA A 239 -0.90 10.10 9.47
CA ALA A 239 -0.19 11.12 8.69
C ALA A 239 -1.14 11.97 7.85
N SER A 240 -2.27 11.41 7.40
CA SER A 240 -3.20 12.23 6.62
C SER A 240 -3.81 13.34 7.48
N ASN A 241 -4.09 13.05 8.75
CA ASN A 241 -4.52 14.10 9.69
C ASN A 241 -3.45 15.17 9.85
N MET A 242 -2.19 14.77 9.99
CA MET A 242 -1.13 15.74 10.17
C MET A 242 -0.98 16.64 8.95
N GLY A 243 -0.97 16.03 7.75
CA GLY A 243 -0.83 16.82 6.54
C GLY A 243 -2.01 17.72 6.27
N ARG A 244 -3.21 17.30 6.67
CA ARG A 244 -4.38 18.17 6.55
C ARG A 244 -4.21 19.43 7.40
N ASP A 245 -3.58 19.32 8.57
CA ASP A 245 -3.37 20.48 9.42
C ASP A 245 -2.12 21.27 9.06
N GLU A 246 -1.13 20.65 8.40
CA GLU A 246 0.16 21.29 8.17
C GLU A 246 0.46 21.56 6.70
N GLY A 247 -0.43 21.23 5.78
CA GLY A 247 -0.26 21.57 4.38
C GLY A 247 0.37 20.53 3.47
N TRP A 248 0.32 19.25 3.83
CA TRP A 248 0.88 18.20 2.99
C TRP A 248 -0.11 17.03 2.90
N LEU A 249 0.24 16.04 2.08
CA LEU A 249 -0.62 14.90 1.78
C LEU A 249 0.07 13.60 2.12
N ALA A 250 -0.71 12.61 2.55
CA ALA A 250 -0.25 11.24 2.71
C ALA A 250 -1.17 10.34 1.88
N GLU A 251 -0.60 9.66 0.88
CA GLU A 251 -1.35 9.10 -0.24
C GLU A 251 -0.96 7.66 -0.51
N HIS A 252 -1.93 6.87 -0.99
CA HIS A 252 -1.70 5.45 -1.32
C HIS A 252 -1.18 5.38 -2.77
N MET A 253 0.06 5.83 -2.95
CA MET A 253 0.62 6.04 -4.28
C MET A 253 2.03 5.47 -4.38
N LEU A 254 2.30 4.79 -5.49
CA LEU A 254 3.67 4.51 -5.89
C LEU A 254 4.32 5.81 -6.37
N ILE A 255 5.66 5.84 -6.44
CA ILE A 255 6.40 6.93 -7.07
C ILE A 255 7.46 6.33 -7.98
N LEU A 256 7.47 6.71 -9.26
CA LEU A 256 8.50 6.21 -10.16
C LEU A 256 9.17 7.35 -10.91
N GLY A 257 10.39 7.07 -11.39
CA GLY A 257 11.07 7.92 -12.33
C GLY A 257 11.13 7.26 -13.70
N VAL A 258 11.07 8.06 -14.75
CA VAL A 258 11.16 7.54 -16.11
C VAL A 258 12.01 8.50 -16.93
N THR A 259 12.93 7.95 -17.72
CA THR A 259 13.85 8.73 -18.55
C THR A 259 13.67 8.29 -20.00
N ASN A 260 13.46 9.25 -20.90
CA ASN A 260 13.27 8.92 -22.31
C ASN A 260 14.62 8.91 -23.02
N PRO A 261 14.67 8.46 -24.28
CA PRO A 261 15.96 8.37 -24.98
C PRO A 261 16.72 9.69 -25.11
N GLU A 262 16.02 10.83 -25.11
CA GLU A 262 16.67 12.15 -25.15
C GLU A 262 17.24 12.56 -23.80
N GLY A 263 17.08 11.74 -22.76
CA GLY A 263 17.66 11.98 -21.46
C GLY A 263 16.83 12.82 -20.51
N LYS A 264 15.63 13.22 -20.89
CA LYS A 264 14.77 13.95 -19.96
C LYS A 264 14.14 12.98 -18.97
N LYS A 265 14.13 13.36 -17.69
CA LYS A 265 13.60 12.50 -16.64
C LYS A 265 12.39 13.16 -15.99
N TYR A 266 11.31 12.38 -15.84
CA TYR A 266 10.06 12.81 -15.22
C TYR A 266 9.71 11.87 -14.06
N HIS A 267 8.79 12.30 -13.18
CA HIS A 267 8.33 11.46 -12.09
C HIS A 267 6.81 11.46 -12.05
N VAL A 268 6.27 10.31 -11.64
CA VAL A 268 4.85 10.05 -11.71
C VAL A 268 4.44 9.34 -10.43
N ALA A 269 3.30 9.76 -9.87
CA ALA A 269 2.70 9.12 -8.72
C ALA A 269 1.38 8.49 -9.14
N ALA A 270 1.17 7.22 -8.77
CA ALA A 270 -0.03 6.53 -9.20
C ALA A 270 -0.71 5.89 -8.01
N ALA A 271 -2.00 6.17 -7.86
CA ALA A 271 -2.81 5.62 -6.79
C ALA A 271 -3.67 4.51 -7.41
N PHE A 272 -3.27 3.26 -7.18
CA PHE A 272 -4.10 2.10 -7.49
C PHE A 272 -4.50 1.42 -6.18
N PRO A 273 -5.71 0.87 -6.07
CA PRO A 273 -6.09 0.21 -4.81
C PRO A 273 -5.21 -0.99 -4.51
N SER A 274 -5.35 -1.51 -3.28
CA SER A 274 -4.58 -2.66 -2.81
C SER A 274 -4.69 -3.84 -3.76
N ALA A 275 -3.54 -4.44 -4.06
CA ALA A 275 -3.42 -5.58 -4.96
C ALA A 275 -3.98 -5.27 -6.35
N CYS A 276 -3.77 -4.03 -6.83
CA CYS A 276 -4.22 -3.65 -8.18
C CYS A 276 -3.07 -3.11 -9.03
N GLY A 277 -1.84 -3.56 -8.77
CA GLY A 277 -0.74 -3.36 -9.71
C GLY A 277 0.26 -2.27 -9.39
N LYS A 278 0.30 -1.73 -8.17
CA LYS A 278 1.28 -0.70 -7.85
C LYS A 278 2.70 -1.26 -7.92
N THR A 279 2.95 -2.42 -7.31
CA THR A 279 4.32 -2.94 -7.29
C THR A 279 4.81 -3.23 -8.70
N ASN A 280 3.94 -3.80 -9.56
CA ASN A 280 4.31 -4.07 -10.95
C ASN A 280 4.65 -2.79 -11.72
N PHE A 281 3.81 -1.77 -11.57
CA PHE A 281 4.02 -0.54 -12.34
C PHE A 281 5.24 0.22 -11.84
N SER A 282 5.48 0.22 -10.51
CA SER A 282 6.61 0.97 -9.95
C SER A 282 7.96 0.41 -10.36
N MET A 283 7.99 -0.85 -10.82
CA MET A 283 9.20 -1.55 -11.26
C MET A 283 9.12 -1.92 -12.73
N LEU A 284 8.22 -1.28 -13.48
CA LEU A 284 8.00 -1.56 -14.90
C LEU A 284 9.30 -1.64 -15.70
N VAL A 285 9.40 -2.64 -16.55
CA VAL A 285 10.52 -2.76 -17.48
C VAL A 285 10.02 -2.42 -18.87
N PRO A 286 10.59 -1.44 -19.57
CA PRO A 286 10.11 -1.08 -20.91
C PRO A 286 10.22 -2.25 -21.87
N PRO A 287 9.17 -2.55 -22.63
CA PRO A 287 9.20 -3.72 -23.53
C PRO A 287 9.92 -3.43 -24.83
N ALA A 288 9.76 -4.34 -25.78
CA ALA A 288 10.29 -4.12 -27.13
C ALA A 288 9.72 -2.84 -27.71
N GLY A 289 10.57 -2.11 -28.44
CA GLY A 289 10.17 -0.85 -29.02
C GLY A 289 10.51 0.38 -28.21
N PHE A 290 11.07 0.21 -27.00
CA PHE A 290 11.39 1.33 -26.12
C PHE A 290 12.86 1.34 -25.73
N ASP A 291 13.73 0.99 -26.68
CA ASP A 291 15.16 1.14 -26.46
C ASP A 291 15.48 2.59 -26.09
N GLY A 292 16.34 2.75 -25.08
CA GLY A 292 16.72 4.07 -24.62
C GLY A 292 15.89 4.61 -23.47
N TRP A 293 14.78 3.95 -23.13
CA TRP A 293 13.95 4.34 -22.00
C TRP A 293 14.36 3.58 -20.74
N SER A 294 14.18 4.22 -19.59
CA SER A 294 14.41 3.53 -18.33
C SER A 294 13.39 3.98 -17.29
N VAL A 295 13.02 3.04 -16.43
CA VAL A 295 12.07 3.27 -15.35
C VAL A 295 12.77 2.89 -14.05
N THR A 296 12.67 3.75 -13.04
CA THR A 296 13.28 3.50 -11.74
C THR A 296 12.25 3.70 -10.64
N THR A 297 12.45 3.01 -9.51
CA THR A 297 11.49 2.98 -8.42
C THR A 297 11.91 3.91 -7.28
N ILE A 298 10.99 4.77 -6.84
CA ILE A 298 11.14 5.46 -5.56
C ILE A 298 10.34 4.76 -4.46
N GLY A 299 9.10 4.36 -4.74
CA GLY A 299 8.31 3.56 -3.81
C GLY A 299 7.12 2.93 -4.50
N ASP A 300 6.51 1.97 -3.81
CA ASP A 300 5.42 1.20 -4.42
C ASP A 300 4.14 1.24 -3.60
N ASP A 301 4.04 2.11 -2.58
CA ASP A 301 2.87 2.00 -1.73
C ASP A 301 2.40 3.29 -1.07
N ILE A 302 3.32 4.11 -0.54
CA ILE A 302 2.97 5.27 0.25
C ILE A 302 3.80 6.47 -0.20
N ALA A 303 3.16 7.62 -0.33
CA ALA A 303 3.82 8.86 -0.72
C ALA A 303 3.37 9.96 0.22
N TRP A 304 4.35 10.75 0.67
CA TRP A 304 4.10 11.97 1.43
C TRP A 304 4.50 13.12 0.50
N ILE A 305 3.57 14.06 0.28
CA ILE A 305 3.70 15.04 -0.80
C ILE A 305 3.38 16.43 -0.29
N LYS A 306 4.19 17.43 -0.66
CA LYS A 306 3.81 18.79 -0.33
C LYS A 306 4.27 19.79 -1.37
N PRO A 307 3.56 20.91 -1.53
CA PRO A 307 3.95 21.91 -2.52
C PRO A 307 5.10 22.78 -2.03
N ALA A 308 5.86 23.32 -2.99
CA ALA A 308 6.95 24.26 -2.70
C ALA A 308 6.66 25.62 -3.33
N ALA A 309 7.48 26.61 -2.95
CA ALA A 309 7.30 27.96 -3.47
C ALA A 309 7.44 28.03 -4.99
N ASP A 310 8.27 27.16 -5.58
CA ASP A 310 8.47 27.14 -7.04
C ASP A 310 7.25 26.63 -7.81
N GLY A 311 6.15 26.32 -7.14
CA GLY A 311 4.96 25.83 -7.81
C GLY A 311 4.94 24.34 -8.09
N LYS A 312 5.96 23.60 -7.68
CA LYS A 312 6.05 22.16 -7.91
C LYS A 312 5.57 21.40 -6.68
N LEU A 313 5.26 20.12 -6.90
CA LEU A 313 4.76 19.23 -5.86
C LEU A 313 5.83 18.17 -5.62
N TYR A 314 6.36 18.09 -4.38
CA TYR A 314 7.49 17.21 -4.07
C TYR A 314 7.04 16.02 -3.23
N ALA A 315 7.44 14.83 -3.65
CA ALA A 315 7.00 13.58 -3.02
C ALA A 315 8.20 12.82 -2.45
N ILE A 316 8.00 12.16 -1.31
CA ILE A 316 8.97 11.20 -0.77
C ILE A 316 8.26 9.90 -0.44
N ASN A 317 9.01 8.79 -0.47
CA ASN A 317 8.53 7.50 0.02
C ASN A 317 8.99 7.32 1.47
N PRO A 318 8.09 7.28 2.45
CA PRO A 318 8.55 7.18 3.85
C PRO A 318 8.93 5.79 4.32
N GLU A 319 8.68 4.73 3.54
CA GLU A 319 9.01 3.36 3.94
C GLU A 319 10.44 3.00 3.52
N ALA A 320 10.93 1.85 4.01
CA ALA A 320 12.27 1.39 3.70
C ALA A 320 12.31 0.06 2.94
N GLY A 321 11.17 -0.56 2.69
CA GLY A 321 11.15 -1.82 1.97
C GLY A 321 9.85 -2.04 1.22
N TYR A 322 9.63 -3.27 0.75
CA TYR A 322 8.41 -3.63 0.03
C TYR A 322 7.70 -4.75 0.80
N PHE A 323 6.38 -4.61 0.96
CA PHE A 323 5.53 -5.67 1.52
C PHE A 323 4.51 -6.06 0.44
N GLY A 324 4.96 -6.82 -0.56
CA GLY A 324 4.21 -6.99 -1.80
C GLY A 324 3.46 -8.30 -1.92
N VAL A 325 2.32 -8.23 -2.62
CA VAL A 325 1.55 -9.44 -2.93
C VAL A 325 2.40 -10.38 -3.78
N ALA A 326 2.47 -11.64 -3.38
CA ALA A 326 3.35 -12.57 -4.09
C ALA A 326 2.70 -13.24 -5.30
N PRO A 327 1.51 -13.84 -5.20
CA PRO A 327 0.95 -14.55 -6.36
C PRO A 327 0.93 -13.68 -7.62
N GLY A 328 1.25 -14.30 -8.74
CA GLY A 328 1.31 -13.59 -10.01
C GLY A 328 2.68 -13.05 -10.37
N THR A 329 3.63 -13.02 -9.42
CA THR A 329 4.97 -12.48 -9.71
C THR A 329 5.81 -13.53 -10.45
N ASN A 330 6.36 -13.13 -11.59
CA ASN A 330 7.25 -13.98 -12.39
C ASN A 330 8.09 -13.07 -13.29
N MET A 331 8.90 -13.69 -14.15
CA MET A 331 9.84 -12.92 -14.96
C MET A 331 9.15 -12.15 -16.08
N LEU A 332 7.89 -12.44 -16.37
CA LEU A 332 7.14 -11.66 -17.35
C LEU A 332 6.41 -10.49 -16.71
N THR A 333 5.77 -10.72 -15.57
CA THR A 333 4.96 -9.68 -14.94
C THR A 333 5.80 -8.69 -14.14
N ASN A 334 6.88 -9.15 -13.49
CA ASN A 334 7.68 -8.24 -12.67
C ASN A 334 9.07 -8.84 -12.41
N PRO A 335 9.96 -8.81 -13.40
CA PRO A 335 11.31 -9.36 -13.17
C PRO A 335 12.13 -8.61 -12.13
N ASN A 336 12.00 -7.29 -12.00
CA ASN A 336 12.74 -6.59 -10.94
C ASN A 336 12.35 -7.11 -9.58
N CYS A 337 11.08 -7.43 -9.39
CA CYS A 337 10.62 -7.98 -8.13
C CYS A 337 11.13 -9.40 -7.92
N MET A 338 11.15 -10.20 -8.99
CA MET A 338 11.74 -11.54 -8.93
C MET A 338 13.18 -11.48 -8.45
N LEU A 339 13.99 -10.58 -9.03
CA LEU A 339 15.37 -10.41 -8.59
C LEU A 339 15.45 -9.84 -7.18
N SER A 340 14.51 -8.98 -6.80
CA SER A 340 14.53 -8.42 -5.45
C SER A 340 14.43 -9.51 -4.39
N VAL A 341 13.64 -10.55 -4.64
CA VAL A 341 13.39 -11.54 -3.60
C VAL A 341 14.26 -12.77 -3.78
N ARG A 342 15.42 -12.61 -4.42
CA ARG A 342 16.37 -13.71 -4.51
C ARG A 342 16.98 -14.05 -3.15
N GLY A 343 17.01 -13.12 -2.21
CA GLY A 343 17.50 -13.40 -0.87
C GLY A 343 17.15 -12.32 0.12
N ASN A 344 17.48 -12.58 1.38
CA ASN A 344 17.23 -11.66 2.51
C ASN A 344 15.76 -11.24 2.62
N THR A 345 14.86 -12.18 2.36
CA THR A 345 13.43 -11.92 2.24
C THR A 345 12.67 -12.75 3.28
N ILE A 346 11.57 -12.19 3.80
CA ILE A 346 10.60 -12.94 4.58
C ILE A 346 9.38 -13.20 3.70
N PHE A 347 9.03 -14.47 3.53
CA PHE A 347 7.83 -14.86 2.78
C PHE A 347 6.75 -15.28 3.77
N THR A 348 5.51 -14.85 3.53
CA THR A 348 4.41 -15.17 4.42
C THR A 348 3.30 -15.84 3.62
N ASN A 349 2.94 -17.06 4.01
CA ASN A 349 1.81 -17.80 3.46
C ASN A 349 2.02 -18.22 2.00
N VAL A 350 3.25 -18.40 1.57
CA VAL A 350 3.46 -19.04 0.28
C VAL A 350 3.74 -20.53 0.51
N ALA A 351 4.01 -21.26 -0.57
CA ALA A 351 4.18 -22.70 -0.52
C ALA A 351 5.66 -23.08 -0.42
N LEU A 352 5.90 -24.30 0.06
CA LEU A 352 7.23 -24.82 0.30
C LEU A 352 7.52 -25.98 -0.66
N THR A 353 8.64 -25.89 -1.37
CA THR A 353 9.04 -26.95 -2.29
C THR A 353 9.79 -28.05 -1.54
N ASP A 354 9.94 -29.20 -2.20
CA ASP A 354 10.63 -30.33 -1.60
C ASP A 354 12.09 -30.01 -1.30
N ASP A 355 12.68 -29.06 -2.02
CA ASP A 355 14.07 -28.68 -1.85
C ASP A 355 14.25 -27.45 -0.95
N GLY A 356 13.21 -27.05 -0.23
CA GLY A 356 13.34 -25.97 0.73
C GLY A 356 13.30 -24.59 0.15
N ASP A 357 12.72 -24.42 -1.02
CA ASP A 357 12.49 -23.12 -1.64
C ASP A 357 11.01 -22.77 -1.50
N VAL A 358 10.61 -21.63 -2.04
CA VAL A 358 9.22 -21.21 -1.99
C VAL A 358 8.64 -21.23 -3.40
N TRP A 359 7.30 -21.33 -3.46
CA TRP A 359 6.58 -21.33 -4.73
C TRP A 359 5.25 -20.62 -4.53
N TRP A 360 4.79 -19.93 -5.57
CA TRP A 360 3.45 -19.35 -5.57
C TRP A 360 2.87 -19.39 -6.98
N GLU A 361 1.54 -19.38 -7.06
CA GLU A 361 0.83 -19.32 -8.32
C GLU A 361 1.35 -18.17 -9.19
N GLY A 362 1.69 -18.49 -10.43
CA GLY A 362 2.32 -17.57 -11.35
C GLY A 362 3.77 -17.92 -11.66
N MET A 363 4.47 -18.54 -10.70
CA MET A 363 5.85 -18.92 -10.95
C MET A 363 5.96 -19.95 -12.07
N GLU A 364 4.91 -20.74 -12.32
CA GLU A 364 5.03 -21.77 -13.35
C GLU A 364 5.24 -21.16 -14.73
N GLN A 365 4.94 -19.88 -14.91
CA GLN A 365 5.18 -19.25 -16.21
C GLN A 365 6.66 -19.23 -16.59
N ASP A 366 7.56 -19.40 -15.62
CA ASP A 366 8.98 -19.42 -15.88
C ASP A 366 9.58 -20.83 -15.89
N ALA A 367 8.75 -21.83 -15.75
CA ALA A 367 9.12 -23.24 -15.61
C ALA A 367 9.07 -23.96 -16.95
N PRO A 368 9.90 -24.99 -17.10
CA PRO A 368 9.84 -25.82 -18.32
C PRO A 368 8.43 -26.35 -18.55
N GLY A 369 7.98 -26.25 -19.80
CA GLY A 369 6.62 -26.60 -20.16
C GLY A 369 5.56 -25.84 -19.38
N LYS A 370 5.94 -24.71 -18.76
CA LYS A 370 5.03 -23.93 -17.92
C LYS A 370 4.26 -24.82 -16.94
N ALA A 371 4.95 -25.80 -16.37
CA ALA A 371 4.28 -26.85 -15.60
C ALA A 371 4.38 -26.58 -14.10
N LEU A 372 3.33 -26.99 -13.38
CA LEU A 372 3.32 -26.85 -11.93
C LEU A 372 4.32 -27.81 -11.29
N PRO A 373 4.79 -27.50 -10.08
CA PRO A 373 5.64 -28.46 -9.35
C PRO A 373 4.90 -29.75 -9.03
N ASP A 374 5.66 -30.84 -8.98
CA ASP A 374 5.07 -32.16 -8.71
C ASP A 374 4.44 -32.22 -7.32
N HIS A 375 5.08 -31.60 -6.33
CA HIS A 375 4.60 -31.68 -4.96
C HIS A 375 5.00 -30.41 -4.23
N LEU A 376 4.12 -29.95 -3.35
CA LEU A 376 4.40 -28.81 -2.48
C LEU A 376 3.71 -29.04 -1.15
N ILE A 377 4.16 -28.31 -0.13
CA ILE A 377 3.40 -28.15 1.10
C ILE A 377 2.74 -26.78 1.03
N ASP A 378 1.41 -26.74 1.11
CA ASP A 378 0.75 -25.46 0.95
C ASP A 378 0.83 -24.66 2.25
N TRP A 379 0.29 -23.44 2.22
CA TRP A 379 0.42 -22.53 3.36
C TRP A 379 -0.33 -23.02 4.59
N GLN A 380 -1.23 -24.01 4.45
CA GLN A 380 -1.89 -24.63 5.59
C GLN A 380 -1.21 -25.92 6.04
N GLY A 381 -0.07 -26.27 5.45
CA GLY A 381 0.66 -27.46 5.82
C GLY A 381 0.21 -28.74 5.14
N LYS A 382 -0.76 -28.67 4.25
CA LYS A 382 -1.32 -29.84 3.56
C LYS A 382 -0.55 -30.16 2.28
N ASP A 383 -0.57 -31.44 1.90
CA ASP A 383 0.05 -31.85 0.65
C ASP A 383 -0.69 -31.22 -0.53
N TRP A 384 0.07 -30.83 -1.54
CA TRP A 384 -0.46 -30.19 -2.73
C TRP A 384 0.21 -30.83 -3.93
N THR A 385 -0.56 -31.08 -4.98
CA THR A 385 -0.09 -31.67 -6.22
C THR A 385 -0.88 -31.04 -7.36
N PRO A 386 -0.35 -31.09 -8.59
CA PRO A 386 -1.15 -30.57 -9.72
C PRO A 386 -2.49 -31.26 -9.85
N GLN A 387 -2.59 -32.54 -9.49
CA GLN A 387 -3.88 -33.24 -9.55
C GLN A 387 -4.87 -32.61 -8.57
N ILE A 388 -4.43 -32.37 -7.34
CA ILE A 388 -5.26 -31.69 -6.36
C ILE A 388 -5.71 -30.32 -6.89
N ALA A 389 -4.77 -29.56 -7.46
CA ALA A 389 -5.09 -28.25 -8.00
C ALA A 389 -6.07 -28.35 -9.17
N LYS A 390 -5.86 -29.34 -10.06
CA LYS A 390 -6.79 -29.53 -11.17
C LYS A 390 -8.19 -29.89 -10.68
N GLU A 391 -8.28 -30.73 -9.66
CA GLU A 391 -9.58 -31.27 -9.27
C GLU A 391 -10.32 -30.39 -8.27
N THR A 392 -9.61 -29.63 -7.43
CA THR A 392 -10.26 -28.81 -6.41
C THR A 392 -9.94 -27.32 -6.51
N GLY A 393 -8.98 -26.92 -7.35
CA GLY A 393 -8.56 -25.53 -7.39
C GLY A 393 -7.83 -25.03 -6.16
N ALA A 394 -7.33 -25.93 -5.30
CA ALA A 394 -6.60 -25.50 -4.11
C ALA A 394 -5.40 -24.64 -4.48
N LYS A 395 -5.26 -23.53 -3.78
CA LYS A 395 -4.14 -22.61 -3.99
C LYS A 395 -2.98 -23.03 -3.08
N ALA A 396 -1.82 -23.27 -3.66
CA ALA A 396 -0.65 -23.58 -2.84
C ALA A 396 -0.26 -22.37 -1.97
N ALA A 397 -0.24 -21.18 -2.56
CA ALA A 397 0.02 -19.95 -1.83
C ALA A 397 -1.30 -19.20 -1.61
N HIS A 398 -1.49 -18.64 -0.42
CA HIS A 398 -2.72 -17.91 -0.16
C HIS A 398 -2.78 -16.69 -1.08
N PRO A 399 -3.98 -16.30 -1.54
CA PRO A 399 -4.06 -15.19 -2.51
C PRO A 399 -3.52 -13.86 -2.00
N ASN A 400 -3.44 -13.68 -0.68
CA ASN A 400 -2.87 -12.49 -0.05
C ASN A 400 -1.47 -12.74 0.52
N SER A 401 -0.81 -13.81 0.11
CA SER A 401 0.55 -14.07 0.60
C SER A 401 1.51 -12.96 0.15
N ARG A 402 2.61 -12.83 0.87
CA ARG A 402 3.45 -11.62 0.81
C ARG A 402 4.93 -11.99 0.82
N PHE A 403 5.75 -11.09 0.27
CA PHE A 403 7.17 -11.03 0.52
C PHE A 403 7.51 -9.70 1.21
N THR A 404 8.44 -9.73 2.17
CA THR A 404 8.98 -8.53 2.82
C THR A 404 10.46 -8.45 2.50
N VAL A 405 10.89 -7.35 1.86
CA VAL A 405 12.26 -7.26 1.33
C VAL A 405 12.72 -5.80 1.30
N ALA A 406 14.02 -5.60 1.54
CA ALA A 406 14.55 -4.24 1.58
C ALA A 406 14.50 -3.59 0.21
N ALA A 407 14.27 -2.27 0.21
CA ALA A 407 14.22 -1.54 -1.05
C ALA A 407 15.52 -1.66 -1.82
N THR A 408 16.65 -1.77 -1.11
CA THR A 408 17.95 -1.82 -1.77
C THR A 408 18.20 -3.12 -2.51
N ASN A 409 17.35 -4.15 -2.32
CA ASN A 409 17.41 -5.36 -3.15
C ASN A 409 16.89 -5.14 -4.56
N ASN A 410 16.19 -4.03 -4.81
CA ASN A 410 15.55 -3.79 -6.10
C ASN A 410 16.58 -3.28 -7.11
N PRO A 411 16.85 -4.03 -8.19
CA PRO A 411 17.82 -3.55 -9.20
C PRO A 411 17.45 -2.24 -9.84
N ALA A 412 16.16 -1.90 -9.86
CA ALA A 412 15.67 -0.69 -10.52
C ALA A 412 15.47 0.47 -9.55
N LEU A 413 16.00 0.37 -8.33
CA LEU A 413 15.82 1.40 -7.33
C LEU A 413 16.39 2.73 -7.81
N ASP A 414 15.62 3.79 -7.66
CA ASP A 414 16.10 5.11 -8.07
C ASP A 414 17.17 5.62 -7.11
N SER A 415 18.13 6.39 -7.65
CA SER A 415 19.20 6.92 -6.80
C SER A 415 18.66 7.89 -5.76
N ALA A 416 17.52 8.53 -6.03
CA ALA A 416 16.96 9.48 -5.07
C ALA A 416 15.85 8.88 -4.22
N TRP A 417 15.77 7.53 -4.16
CA TRP A 417 14.69 6.85 -3.44
C TRP A 417 14.60 7.28 -1.98
N ASP A 418 15.74 7.63 -1.37
CA ASP A 418 15.75 8.05 0.03
C ASP A 418 16.28 9.47 0.19
N ASP A 419 16.13 10.29 -0.84
CA ASP A 419 16.54 11.68 -0.76
C ASP A 419 15.43 12.49 -0.09
N PRO A 420 15.66 13.08 1.08
CA PRO A 420 14.59 13.84 1.77
C PRO A 420 14.15 15.11 1.06
N LYS A 421 14.86 15.58 0.03
CA LYS A 421 14.36 16.71 -0.76
C LYS A 421 13.15 16.33 -1.61
N GLY A 422 12.94 15.04 -1.87
CA GLY A 422 11.83 14.63 -2.70
C GLY A 422 12.08 14.77 -4.19
N VAL A 423 11.11 14.28 -4.97
CA VAL A 423 11.13 14.42 -6.42
C VAL A 423 9.89 15.19 -6.82
N ALA A 424 10.00 16.00 -7.87
CA ALA A 424 8.86 16.76 -8.37
C ALA A 424 7.95 15.86 -9.20
N ILE A 425 6.65 15.94 -8.93
CA ILE A 425 5.68 15.06 -9.57
C ILE A 425 5.12 15.74 -10.81
N ASP A 426 5.34 15.13 -11.98
CA ASP A 426 4.87 15.71 -13.23
C ASP A 426 3.46 15.27 -13.61
N ALA A 427 3.00 14.14 -13.11
CA ALA A 427 1.66 13.69 -13.42
C ALA A 427 1.19 12.72 -12.34
N PHE A 428 -0.10 12.78 -12.03
CA PHE A 428 -0.78 11.82 -11.17
C PHE A 428 -1.58 10.82 -12.01
N ILE A 429 -1.64 9.58 -11.54
CA ILE A 429 -2.44 8.53 -12.17
C ILE A 429 -3.34 7.91 -11.12
N PHE A 430 -4.62 7.73 -11.45
CA PHE A 430 -5.58 7.00 -10.62
C PHE A 430 -6.19 5.86 -11.43
N GLY A 431 -6.30 4.69 -10.81
CA GLY A 431 -6.88 3.61 -11.58
C GLY A 431 -7.43 2.49 -10.71
N GLY A 432 -8.69 2.14 -10.90
CA GLY A 432 -9.26 0.99 -10.22
C GLY A 432 -9.26 -0.27 -11.08
N ARG A 433 -9.61 -1.39 -10.43
CA ARG A 433 -9.74 -2.67 -11.11
C ARG A 433 -11.18 -2.76 -11.63
N ARG A 434 -11.38 -2.50 -12.93
CA ARG A 434 -12.73 -2.42 -13.51
C ARG A 434 -12.83 -3.33 -14.73
N SER A 435 -13.71 -4.33 -14.66
CA SER A 435 -13.92 -5.27 -15.76
C SER A 435 -14.65 -4.64 -16.93
N THR A 436 -15.41 -3.56 -16.70
CA THR A 436 -16.16 -2.87 -17.73
C THR A 436 -15.94 -1.37 -17.61
N THR A 437 -16.50 -0.63 -18.56
CA THR A 437 -16.81 0.79 -18.45
C THR A 437 -15.63 1.74 -18.63
N VAL A 438 -14.58 1.59 -17.83
CA VAL A 438 -13.50 2.59 -17.80
C VAL A 438 -12.48 2.30 -18.91
N PRO A 439 -12.12 3.29 -19.73
CA PRO A 439 -11.17 3.05 -20.81
C PRO A 439 -9.72 2.96 -20.32
N LEU A 440 -8.85 2.62 -21.27
CA LEU A 440 -7.46 2.31 -20.96
C LEU A 440 -6.73 3.51 -20.33
N VAL A 441 -6.97 4.71 -20.84
CA VAL A 441 -6.30 5.91 -20.31
C VAL A 441 -7.00 7.18 -20.78
N THR A 442 -7.21 8.11 -19.86
N THR A 442 -7.28 8.09 -19.86
CA THR A 442 -7.90 9.38 -20.10
CA THR A 442 -7.84 9.39 -20.20
C THR A 442 -7.19 10.49 -19.33
C THR A 442 -7.15 10.47 -19.36
N GLU A 443 -6.94 11.63 -19.98
CA GLU A 443 -6.33 12.77 -19.32
C GLU A 443 -7.40 13.78 -18.93
N ALA A 444 -7.44 14.17 -17.66
CA ALA A 444 -8.43 15.15 -17.19
C ALA A 444 -8.18 16.52 -17.83
N ARG A 445 -9.27 17.22 -18.14
CA ARG A 445 -9.18 18.52 -18.81
C ARG A 445 -8.74 19.65 -17.86
N SER A 446 -8.86 19.47 -16.57
CA SER A 446 -8.51 20.50 -15.59
C SER A 446 -8.24 19.81 -14.27
N TRP A 447 -7.66 20.57 -13.33
CA TRP A 447 -7.39 20.04 -11.99
C TRP A 447 -8.67 19.61 -11.30
N VAL A 448 -9.72 20.42 -11.41
CA VAL A 448 -11.01 20.06 -10.80
C VAL A 448 -11.55 18.77 -11.41
N GLU A 449 -11.48 18.63 -12.73
CA GLU A 449 -12.00 17.40 -13.33
C GLU A 449 -11.15 16.20 -12.94
N GLY A 450 -9.86 16.41 -12.69
CA GLY A 450 -9.00 15.34 -12.20
C GLY A 450 -9.36 14.89 -10.79
N VAL A 451 -9.52 15.85 -9.88
CA VAL A 451 -10.02 15.53 -8.54
C VAL A 451 -11.36 14.79 -8.62
N TYR A 452 -12.24 15.19 -9.54
CA TYR A 452 -13.49 14.44 -9.75
C TYR A 452 -13.22 12.97 -10.08
N MET A 453 -12.33 12.72 -11.04
CA MET A 453 -12.09 11.34 -11.45
C MET A 453 -11.49 10.52 -10.31
N ALA A 454 -10.60 11.12 -9.53
CA ALA A 454 -10.04 10.47 -8.34
C ALA A 454 -11.09 10.24 -7.26
N ALA A 455 -11.95 11.24 -7.02
CA ALA A 455 -12.97 11.12 -5.97
C ALA A 455 -13.98 10.00 -6.25
N THR A 456 -14.27 9.74 -7.52
CA THR A 456 -15.38 8.89 -7.91
C THR A 456 -14.95 7.53 -8.44
N MET A 457 -13.66 7.21 -8.42
CA MET A 457 -13.19 5.96 -9.00
C MET A 457 -13.78 4.76 -8.24
N GLY A 458 -14.03 3.69 -8.99
CA GLY A 458 -14.48 2.44 -8.43
C GLY A 458 -13.43 1.36 -8.69
N SER A 459 -13.58 0.24 -7.98
CA SER A 459 -12.61 -0.84 -8.09
C SER A 459 -13.20 -2.11 -7.51
N GLU A 460 -12.86 -3.25 -8.10
CA GLU A 460 -13.34 -4.52 -7.57
C GLU A 460 -12.47 -5.00 -6.41
N THR A 461 -13.13 -5.46 -5.34
CA THR A 461 -12.44 -5.86 -4.11
C THR A 461 -11.47 -7.01 -4.38
N THR A 462 -10.41 -7.06 -3.57
CA THR A 462 -9.32 -8.01 -3.69
C THR A 462 -9.08 -8.71 -2.36
N ALA A 463 -8.16 -9.68 -2.37
CA ALA A 463 -7.87 -10.46 -1.18
C ALA A 463 -7.07 -9.69 -0.13
N ALA A 464 -6.78 -8.41 -0.36
CA ALA A 464 -5.95 -7.65 0.57
C ALA A 464 -6.69 -7.36 1.87
N ALA A 465 -8.01 -7.41 1.85
CA ALA A 465 -8.80 -7.35 3.07
C ALA A 465 -9.78 -8.52 3.05
N THR A 466 -10.29 -8.86 4.23
CA THR A 466 -11.25 -9.96 4.30
C THR A 466 -12.56 -9.55 3.65
N GLY A 467 -13.35 -10.53 3.26
CA GLY A 467 -14.63 -10.29 2.63
C GLY A 467 -14.67 -10.80 1.20
N GLN A 468 -15.83 -10.59 0.58
CA GLN A 468 -16.08 -11.08 -0.77
C GLN A 468 -15.22 -10.34 -1.79
N ALA A 469 -14.37 -11.08 -2.51
CA ALA A 469 -13.55 -10.47 -3.55
C ALA A 469 -14.37 -10.30 -4.83
N GLY A 470 -13.92 -9.39 -5.69
CA GLY A 470 -14.51 -9.21 -7.00
C GLY A 470 -15.77 -8.37 -7.05
N VAL A 471 -16.09 -7.65 -5.98
CA VAL A 471 -17.26 -6.78 -5.92
C VAL A 471 -16.84 -5.34 -6.20
N VAL A 472 -17.56 -4.66 -7.09
CA VAL A 472 -17.24 -3.26 -7.38
C VAL A 472 -17.66 -2.40 -6.19
N ARG A 473 -16.77 -1.52 -5.75
CA ARG A 473 -17.08 -0.52 -4.74
C ARG A 473 -16.39 0.79 -5.08
N ARG A 474 -16.93 1.89 -4.56
CA ARG A 474 -16.26 3.17 -4.66
C ARG A 474 -15.04 3.15 -3.76
N ASP A 475 -13.90 3.58 -4.28
CA ASP A 475 -12.64 3.64 -3.54
C ASP A 475 -11.98 4.96 -3.91
N PRO A 476 -12.41 6.06 -3.30
CA PRO A 476 -11.87 7.37 -3.69
C PRO A 476 -10.37 7.46 -3.41
N PHE A 477 -9.61 7.85 -4.44
CA PHE A 477 -8.17 8.06 -4.35
C PHE A 477 -7.41 6.80 -3.95
N ALA A 478 -8.05 5.63 -4.05
CA ALA A 478 -7.54 4.39 -3.47
C ALA A 478 -7.31 4.51 -1.96
N MET A 479 -8.05 5.40 -1.31
CA MET A 479 -7.88 5.64 0.13
C MET A 479 -9.07 5.21 0.98
N LEU A 480 -10.05 4.49 0.42
CA LEU A 480 -11.19 4.03 1.23
C LEU A 480 -10.79 3.37 2.55
N PRO A 481 -9.81 2.46 2.60
CA PRO A 481 -9.45 1.85 3.89
C PRO A 481 -8.49 2.67 4.75
N PHE A 482 -8.03 3.84 4.28
CA PHE A 482 -6.88 4.50 4.88
C PHE A 482 -7.05 5.97 5.18
N MET A 483 -8.16 6.59 4.79
CA MET A 483 -8.33 8.02 5.02
C MET A 483 -8.54 8.30 6.50
N GLY A 484 -7.75 9.22 7.06
CA GLY A 484 -7.76 9.43 8.49
C GLY A 484 -8.82 10.35 9.01
N TYR A 485 -9.59 10.99 8.13
CA TYR A 485 -10.63 11.93 8.53
C TYR A 485 -11.74 11.90 7.49
N ASN A 486 -12.67 12.86 7.58
CA ASN A 486 -13.84 12.84 6.70
C ASN A 486 -13.41 12.94 5.24
N MET A 487 -13.88 11.99 4.42
CA MET A 487 -13.45 11.91 3.03
C MET A 487 -13.82 13.14 2.24
N SER A 488 -14.94 13.78 2.57
CA SER A 488 -15.33 15.00 1.85
C SER A 488 -14.38 16.16 2.14
N ASP A 489 -13.90 16.27 3.38
CA ASP A 489 -12.91 17.30 3.70
C ASP A 489 -11.61 17.04 2.97
N TYR A 490 -11.28 15.77 2.75
CA TYR A 490 -10.09 15.39 1.99
C TYR A 490 -10.21 15.81 0.53
N PHE A 491 -11.39 15.60 -0.10
CA PHE A 491 -11.62 16.14 -1.44
C PHE A 491 -11.33 17.64 -1.50
N GLN A 492 -11.78 18.39 -0.49
CA GLN A 492 -11.55 19.84 -0.47
C GLN A 492 -10.07 20.16 -0.34
N HIS A 493 -9.36 19.37 0.44
CA HIS A 493 -7.92 19.56 0.59
C HIS A 493 -7.22 19.49 -0.77
N TRP A 494 -7.59 18.50 -1.59
CA TRP A 494 -6.99 18.37 -2.92
C TRP A 494 -7.37 19.53 -3.83
N LEU A 495 -8.62 20.00 -3.76
CA LEU A 495 -9.01 21.18 -4.54
C LEU A 495 -8.20 22.39 -4.10
N ASP A 496 -8.08 22.61 -2.79
CA ASP A 496 -7.32 23.74 -2.26
C ASP A 496 -5.86 23.65 -2.64
N LEU A 497 -5.28 22.44 -2.64
CA LEU A 497 -3.89 22.32 -3.06
C LEU A 497 -3.69 22.81 -4.48
N GLY A 498 -4.60 22.43 -5.39
CA GLY A 498 -4.47 22.88 -6.76
C GLY A 498 -4.50 24.38 -6.89
N LYS A 499 -5.35 25.05 -6.10
CA LYS A 499 -5.42 26.52 -6.17
C LYS A 499 -4.11 27.16 -5.71
N LYS A 500 -3.48 26.60 -4.67
CA LYS A 500 -2.21 27.13 -4.21
C LYS A 500 -1.13 26.98 -5.27
N LEU A 501 -1.10 25.84 -5.97
CA LEU A 501 -0.10 25.63 -7.02
C LEU A 501 -0.32 26.59 -8.18
N ALA A 502 -1.57 26.74 -8.62
CA ALA A 502 -1.88 27.61 -9.74
C ALA A 502 -1.52 29.07 -9.46
N ALA A 503 -1.66 29.50 -8.21
CA ALA A 503 -1.38 30.90 -7.87
C ALA A 503 0.09 31.28 -8.03
N SER A 504 0.99 30.29 -8.07
CA SER A 504 2.39 30.56 -8.37
C SER A 504 2.63 30.91 -9.84
N GLY A 505 1.65 30.73 -10.71
CA GLY A 505 1.87 30.85 -12.15
C GLY A 505 2.27 29.55 -12.84
N ALA A 506 2.54 28.49 -12.09
CA ALA A 506 2.99 27.22 -12.64
C ALA A 506 1.86 26.52 -13.40
N THR A 507 2.25 25.62 -14.30
CA THR A 507 1.32 24.67 -14.88
C THR A 507 1.14 23.49 -13.91
N LEU A 508 -0.09 23.10 -13.69
CA LEU A 508 -0.33 22.06 -12.70
C LEU A 508 0.01 20.68 -13.27
N PRO A 509 0.40 19.73 -12.42
CA PRO A 509 0.58 18.35 -12.89
C PRO A 509 -0.69 17.83 -13.54
N LYS A 510 -0.54 17.01 -14.58
CA LYS A 510 -1.73 16.44 -15.18
C LYS A 510 -2.21 15.24 -14.38
N ILE A 511 -3.49 14.93 -14.53
CA ILE A 511 -4.13 13.83 -13.82
C ILE A 511 -4.75 12.88 -14.82
N TYR A 512 -4.40 11.60 -14.72
CA TYR A 512 -4.88 10.56 -15.62
C TYR A 512 -5.70 9.51 -14.87
N THR A 513 -6.65 8.92 -15.58
N THR A 513 -6.67 8.95 -15.58
CA THR A 513 -7.36 7.72 -15.15
CA THR A 513 -7.32 7.72 -15.16
C THR A 513 -6.99 6.57 -16.08
C THR A 513 -6.86 6.60 -16.08
N THR A 514 -6.58 5.43 -15.50
CA THR A 514 -6.20 4.26 -16.30
C THR A 514 -7.03 3.06 -15.87
N ASN A 515 -7.05 2.05 -16.71
CA ASN A 515 -7.69 0.76 -16.36
C ASN A 515 -6.95 -0.34 -17.12
N TRP A 516 -6.18 -1.15 -16.40
CA TRP A 516 -5.53 -2.27 -17.07
C TRP A 516 -6.43 -3.50 -17.20
N PHE A 517 -7.66 -3.48 -16.66
CA PHE A 517 -8.32 -4.71 -16.26
C PHE A 517 -9.68 -4.96 -16.91
N ARG A 518 -9.94 -4.37 -18.08
CA ARG A 518 -11.14 -4.73 -18.82
C ARG A 518 -11.11 -6.19 -19.23
N LYS A 519 -12.24 -6.87 -19.09
CA LYS A 519 -12.34 -8.29 -19.38
C LYS A 519 -13.20 -8.55 -20.61
N GLY A 520 -12.87 -9.63 -21.33
CA GLY A 520 -13.69 -10.10 -22.44
C GLY A 520 -14.77 -11.06 -21.97
N THR A 521 -15.45 -11.67 -22.95
CA THR A 521 -16.60 -12.51 -22.61
C THR A 521 -16.21 -13.76 -21.84
N ASP A 522 -14.95 -14.16 -21.89
CA ASP A 522 -14.44 -15.31 -21.17
C ASP A 522 -13.83 -14.94 -19.84
N GLY A 523 -13.95 -13.69 -19.41
CA GLY A 523 -13.34 -13.24 -18.19
C GLY A 523 -11.85 -12.97 -18.25
N LYS A 524 -11.20 -13.09 -19.41
CA LYS A 524 -9.79 -12.76 -19.51
C LYS A 524 -9.58 -11.29 -19.90
N PHE A 525 -8.39 -10.77 -19.59
CA PHE A 525 -8.08 -9.37 -19.80
C PHE A 525 -7.86 -9.08 -21.29
N VAL A 526 -8.52 -8.02 -21.78
CA VAL A 526 -8.39 -7.67 -23.20
C VAL A 526 -7.08 -6.92 -23.47
N TRP A 527 -6.62 -6.14 -22.53
CA TRP A 527 -5.34 -5.43 -22.63
C TRP A 527 -4.23 -6.27 -22.01
N PRO A 528 -3.12 -6.51 -22.72
CA PRO A 528 -2.09 -7.43 -22.19
C PRO A 528 -1.41 -6.93 -20.94
N GLY A 529 -1.29 -5.62 -20.76
CA GLY A 529 -0.77 -5.05 -19.53
C GLY A 529 0.67 -5.41 -19.24
N TYR A 530 1.00 -5.41 -17.95
CA TYR A 530 2.35 -5.56 -17.43
C TYR A 530 3.33 -4.65 -18.15
N GLY A 531 4.36 -5.21 -18.80
CA GLY A 531 5.34 -4.37 -19.46
C GLY A 531 4.76 -3.49 -20.55
N GLU A 532 3.64 -3.92 -21.16
CA GLU A 532 3.00 -3.15 -22.21
C GLU A 532 2.37 -1.86 -21.69
N ASN A 533 2.19 -1.74 -20.37
CA ASN A 533 1.72 -0.49 -19.79
C ASN A 533 2.67 0.68 -20.07
N MET A 534 3.93 0.39 -20.37
CA MET A 534 4.86 1.43 -20.82
C MET A 534 4.32 2.21 -22.00
N ARG A 535 3.50 1.58 -22.85
CA ARG A 535 2.99 2.28 -24.02
C ARG A 535 2.03 3.39 -23.62
N VAL A 536 1.28 3.19 -22.53
CA VAL A 536 0.44 4.25 -21.99
C VAL A 536 1.30 5.30 -21.28
N LEU A 537 2.26 4.86 -20.47
CA LEU A 537 3.13 5.81 -19.78
C LEU A 537 3.85 6.74 -20.76
N ALA A 538 4.27 6.21 -21.91
CA ALA A 538 5.00 7.04 -22.87
C ALA A 538 4.10 8.08 -23.53
N TRP A 539 2.81 7.79 -23.71
CA TRP A 539 1.89 8.81 -24.17
C TRP A 539 1.75 9.92 -23.13
N MET A 540 1.64 9.56 -21.85
CA MET A 540 1.61 10.57 -20.79
C MET A 540 2.84 11.48 -20.84
N ILE A 541 4.03 10.89 -21.07
CA ILE A 541 5.24 11.70 -21.19
C ILE A 541 5.14 12.66 -22.37
N ASP A 542 4.73 12.14 -23.54
CA ASP A 542 4.46 12.98 -24.71
C ASP A 542 3.55 14.16 -24.36
N ARG A 543 2.48 13.88 -23.61
CA ARG A 543 1.54 14.93 -23.24
C ARG A 543 2.17 15.93 -22.29
N ILE A 544 2.94 15.45 -21.31
CA ILE A 544 3.68 16.34 -20.42
C ILE A 544 4.55 17.30 -21.23
N GLU A 545 5.19 16.79 -22.28
CA GLU A 545 6.06 17.62 -23.11
C GLU A 545 5.31 18.53 -24.07
N GLY A 546 4.00 18.38 -24.22
CA GLY A 546 3.26 19.15 -25.21
C GLY A 546 3.38 18.65 -26.63
N LYS A 547 3.87 17.42 -26.82
CA LYS A 547 4.06 16.86 -28.14
C LYS A 547 3.08 15.75 -28.49
N GLY A 548 2.21 15.35 -27.55
CA GLY A 548 1.29 14.25 -27.79
C GLY A 548 -0.09 14.74 -28.21
N GLN A 549 -0.66 14.07 -29.21
N GLN A 549 -0.66 14.06 -29.20
CA GLN A 549 -2.02 14.37 -29.66
CA GLN A 549 -2.01 14.38 -29.66
C GLN A 549 -3.04 13.54 -28.89
C GLN A 549 -3.04 13.51 -28.94
N GLY A 550 -4.29 13.98 -28.96
CA GLY A 550 -5.37 13.25 -28.32
C GLY A 550 -6.69 13.75 -28.85
N GLU A 551 -7.74 12.98 -28.56
CA GLU A 551 -9.10 13.29 -28.95
C GLU A 551 -9.92 13.62 -27.72
N ASP A 552 -10.85 14.57 -27.85
CA ASP A 552 -11.73 14.93 -26.75
C ASP A 552 -12.87 13.93 -26.67
N HIS A 553 -12.96 13.22 -25.55
CA HIS A 553 -14.03 12.28 -25.26
C HIS A 553 -14.87 12.80 -24.09
N VAL A 554 -15.91 12.05 -23.73
CA VAL A 554 -16.82 12.50 -22.68
C VAL A 554 -16.07 12.78 -21.38
N THR A 555 -15.18 11.90 -20.98
CA THR A 555 -14.54 12.02 -19.68
C THR A 555 -13.18 12.72 -19.72
N GLY A 556 -12.67 13.07 -20.89
CA GLY A 556 -11.37 13.72 -20.98
C GLY A 556 -10.72 13.40 -22.31
N ILE A 557 -9.41 13.57 -22.36
CA ILE A 557 -8.66 13.45 -23.60
C ILE A 557 -8.00 12.07 -23.65
N SER A 558 -8.23 11.34 -24.74
CA SER A 558 -7.66 10.00 -24.94
C SER A 558 -6.82 9.95 -26.20
N PRO A 559 -5.78 9.12 -26.22
CA PRO A 559 -4.97 8.96 -27.45
C PRO A 559 -5.75 8.22 -28.52
N SER A 560 -5.42 8.54 -29.78
CA SER A 560 -5.80 7.70 -30.90
C SER A 560 -4.77 6.60 -31.10
N TYR A 561 -5.17 5.55 -31.82
CA TYR A 561 -4.29 4.41 -32.06
C TYR A 561 -2.92 4.85 -32.57
N GLU A 562 -2.88 5.84 -33.45
CA GLU A 562 -1.61 6.28 -34.03
C GLU A 562 -0.78 7.16 -33.08
N ASP A 563 -1.30 7.49 -31.90
CA ASP A 563 -0.55 8.25 -30.90
C ASP A 563 0.31 7.38 -30.00
N LEU A 564 0.10 6.07 -30.00
CA LEU A 564 0.90 5.17 -29.19
C LEU A 564 1.94 4.47 -30.06
N ASN A 565 2.96 3.94 -29.40
CA ASN A 565 4.05 3.22 -30.06
C ASN A 565 3.76 1.72 -29.94
N TRP A 566 3.50 1.05 -31.06
CA TRP A 566 3.13 -0.35 -31.08
C TRP A 566 4.26 -1.26 -31.54
N THR A 567 5.45 -0.71 -31.75
CA THR A 567 6.59 -1.53 -32.14
C THR A 567 6.81 -2.65 -31.12
N GLY A 568 6.75 -3.89 -31.58
CA GLY A 568 7.01 -5.03 -30.72
C GLY A 568 5.79 -5.64 -30.07
N LEU A 569 4.59 -5.15 -30.36
CA LEU A 569 3.36 -5.70 -29.81
C LEU A 569 2.32 -5.80 -30.91
N ASP A 570 1.76 -7.01 -31.08
CA ASP A 570 0.68 -7.24 -32.05
C ASP A 570 -0.64 -6.97 -31.34
N PHE A 571 -1.14 -5.75 -31.49
CA PHE A 571 -2.37 -5.28 -30.87
C PHE A 571 -3.06 -4.38 -31.87
N SER A 572 -4.20 -4.82 -32.40
CA SER A 572 -4.79 -4.19 -33.58
C SER A 572 -5.54 -2.92 -33.22
N ALA A 573 -5.84 -2.12 -34.24
CA ALA A 573 -6.69 -0.94 -34.04
C ALA A 573 -8.10 -1.34 -33.56
N ASP A 574 -8.58 -2.54 -33.91
CA ASP A 574 -9.88 -2.95 -33.40
C ASP A 574 -9.83 -3.25 -31.91
N GLN A 575 -8.77 -3.92 -31.45
CA GLN A 575 -8.63 -4.18 -30.01
C GLN A 575 -8.44 -2.88 -29.23
N PHE A 576 -7.71 -1.92 -29.81
CA PHE A 576 -7.58 -0.60 -29.17
C PHE A 576 -8.94 0.09 -29.02
N ASN A 577 -9.76 0.06 -30.08
N ASN A 577 -9.76 0.05 -30.07
CA ASN A 577 -11.09 0.65 -29.99
CA ASN A 577 -11.08 0.67 -29.98
C ASN A 577 -11.90 0.03 -28.87
C ASN A 577 -11.94 0.04 -28.91
N THR A 578 -11.78 -1.28 -28.67
CA THR A 578 -12.53 -1.94 -27.61
C THR A 578 -12.20 -1.36 -26.23
N VAL A 579 -10.91 -1.09 -25.96
CA VAL A 579 -10.51 -0.65 -24.63
C VAL A 579 -10.45 0.87 -24.50
N THR A 580 -10.74 1.63 -25.57
CA THR A 580 -10.83 3.08 -25.46
C THR A 580 -12.20 3.67 -25.78
N SER A 581 -13.12 2.90 -26.35
CA SER A 581 -14.45 3.44 -26.65
C SER A 581 -15.19 3.83 -25.37
N ILE A 582 -15.79 5.02 -25.39
CA ILE A 582 -16.66 5.48 -24.31
C ILE A 582 -18.08 5.00 -24.64
N ASP A 583 -18.60 4.08 -23.84
CA ASP A 583 -19.94 3.53 -24.06
C ASP A 583 -20.94 4.38 -23.29
N LYS A 584 -21.89 4.98 -24.01
CA LYS A 584 -22.81 5.92 -23.39
C LYS A 584 -23.62 5.27 -22.27
N ALA A 585 -24.16 4.08 -22.52
CA ALA A 585 -25.02 3.44 -21.52
C ALA A 585 -24.23 3.07 -20.26
N ALA A 586 -23.04 2.51 -20.45
CA ALA A 586 -22.24 2.16 -19.28
C ALA A 586 -21.90 3.39 -18.44
N TRP A 587 -21.64 4.53 -19.11
CA TRP A 587 -21.28 5.72 -18.32
C TRP A 587 -22.49 6.37 -17.68
N LEU A 588 -23.68 6.29 -18.31
CA LEU A 588 -24.88 6.78 -17.62
C LEU A 588 -25.13 5.99 -16.33
N LYS A 589 -24.92 4.67 -16.37
N LYS A 589 -24.91 4.67 -16.35
CA LYS A 589 -25.01 3.87 -15.16
CA LYS A 589 -25.03 3.89 -15.13
C LYS A 589 -23.95 4.26 -14.15
C LYS A 589 -23.93 4.25 -14.13
N GLU A 590 -22.72 4.49 -14.62
CA GLU A 590 -21.62 4.85 -13.72
C GLU A 590 -21.89 6.17 -13.02
N LEU A 591 -22.43 7.17 -13.74
CA LEU A 591 -22.68 8.46 -13.12
C LEU A 591 -23.78 8.37 -12.07
N GLU A 592 -24.72 7.43 -12.24
CA GLU A 592 -25.70 7.23 -11.18
C GLU A 592 -25.06 6.65 -9.91
N LEU A 593 -24.02 5.83 -10.05
CA LEU A 593 -23.31 5.37 -8.86
C LEU A 593 -22.52 6.50 -8.21
N HIS A 594 -22.02 7.46 -9.02
CA HIS A 594 -21.39 8.66 -8.42
C HIS A 594 -22.40 9.44 -7.57
N ALA A 595 -23.62 9.61 -8.07
CA ALA A 595 -24.64 10.34 -7.32
C ALA A 595 -24.93 9.67 -5.98
N GLU A 596 -24.90 8.33 -5.94
CA GLU A 596 -25.13 7.64 -4.67
C GLU A 596 -23.98 7.90 -3.71
N LEU A 597 -22.75 7.92 -4.22
CA LEU A 597 -21.61 8.30 -3.40
C LEU A 597 -21.78 9.71 -2.85
N PHE A 598 -22.17 10.65 -3.72
CA PHE A 598 -22.29 12.04 -3.28
C PHE A 598 -23.39 12.21 -2.26
N LYS A 599 -24.44 11.39 -2.35
CA LYS A 599 -25.45 11.39 -1.30
C LYS A 599 -24.88 10.93 0.04
N GLN A 600 -24.02 9.91 0.02
N GLN A 600 -24.05 9.88 0.02
CA GLN A 600 -23.44 9.41 1.25
CA GLN A 600 -23.43 9.42 1.26
C GLN A 600 -22.42 10.40 1.82
C GLN A 600 -22.48 10.48 1.82
N LEU A 601 -21.66 11.07 0.96
CA LEU A 601 -20.66 12.06 1.37
C LEU A 601 -21.20 13.49 1.33
N GLU A 602 -22.50 13.68 1.53
CA GLU A 602 -23.13 14.98 1.33
C GLU A 602 -22.52 16.06 2.23
N HIS A 603 -22.17 15.73 3.47
CA HIS A 603 -21.65 16.71 4.43
C HIS A 603 -20.27 17.22 4.01
N HIS A 604 -20.16 18.52 3.78
CA HIS A 604 -18.92 19.19 3.36
C HIS A 604 -18.46 18.77 1.97
N LEU A 605 -19.34 18.20 1.16
CA LEU A 605 -18.95 17.81 -0.19
C LEU A 605 -18.70 19.07 -1.01
N PRO A 606 -17.54 19.21 -1.64
CA PRO A 606 -17.29 20.39 -2.48
C PRO A 606 -18.31 20.50 -3.60
N LYS A 607 -18.79 21.73 -3.81
CA LYS A 607 -19.76 21.99 -4.87
C LYS A 607 -19.19 21.67 -6.25
N GLU A 608 -17.85 21.75 -6.40
CA GLU A 608 -17.22 21.56 -7.70
C GLU A 608 -17.48 20.16 -8.24
N LEU A 609 -17.65 19.17 -7.37
CA LEU A 609 -17.88 17.80 -7.83
C LEU A 609 -19.25 17.67 -8.49
N GLY A 610 -20.30 18.19 -7.84
CA GLY A 610 -21.62 18.20 -8.46
C GLY A 610 -21.62 18.93 -9.78
N GLU A 611 -20.88 20.04 -9.89
CA GLU A 611 -20.83 20.80 -11.13
C GLU A 611 -20.15 19.99 -12.24
N THR A 612 -19.05 19.31 -11.91
CA THR A 612 -18.37 18.48 -12.91
C THR A 612 -19.27 17.35 -13.38
N LYS A 613 -20.00 16.73 -12.45
CA LYS A 613 -20.92 15.65 -12.80
C LYS A 613 -21.96 16.12 -13.81
N ALA A 614 -22.52 17.31 -13.60
CA ALA A 614 -23.53 17.83 -14.52
C ALA A 614 -22.96 18.08 -15.91
N GLU A 615 -21.68 18.48 -16.00
CA GLU A 615 -21.07 18.68 -17.31
C GLU A 615 -20.87 17.34 -18.04
N ILE A 616 -20.46 16.31 -17.30
CA ILE A 616 -20.33 14.99 -17.92
C ILE A 616 -21.70 14.47 -18.36
N GLU A 617 -22.72 14.67 -17.51
CA GLU A 617 -24.08 14.26 -17.89
C GLU A 617 -24.51 14.91 -19.19
N ARG A 618 -24.17 16.20 -19.39
CA ARG A 618 -24.52 16.88 -20.63
C ARG A 618 -23.81 16.26 -21.83
N ARG A 619 -22.53 15.92 -21.67
N ARG A 619 -22.53 15.93 -21.68
CA ARG A 619 -21.78 15.35 -22.78
CA ARG A 619 -21.78 15.33 -22.79
C ARG A 619 -22.31 13.97 -23.18
C ARG A 619 -22.38 13.99 -23.19
N LEU A 620 -22.87 13.23 -22.21
CA LEU A 620 -23.43 11.91 -22.52
C LEU A 620 -24.77 12.03 -23.23
N ALA A 621 -25.56 13.04 -22.88
CA ALA A 621 -26.86 13.26 -23.51
C ALA A 621 -26.77 14.03 -24.82
N ALA A 622 -25.58 14.39 -25.28
CA ALA A 622 -25.42 15.14 -26.52
C ALA A 622 -25.63 14.23 -27.72
MN MN B . -1.08 -0.59 0.05
C1 SPV C . -2.68 -2.95 1.14
O1 SPV C . -2.91 -1.87 0.55
O2' SPV C . -3.49 -3.86 1.46
C2 SPV C . -1.18 -3.22 1.50
C3 SPV C . -0.94 -4.45 2.33
O2 SPV C . -0.27 -2.47 1.16
S SPV C . -1.14 -4.21 4.10
O1S SPV C . -1.17 -5.56 4.70
O2S SPV C . -2.39 -3.46 4.30
O3S SPV C . 0.06 -3.48 4.54
C1 PGE D . 19.24 -2.25 8.39
O1 PGE D . 20.57 -2.71 8.18
C2 PGE D . 18.45 -2.41 7.11
O2 PGE D . 18.59 -3.72 6.63
C3 PGE D . 17.58 -4.13 5.73
C4 PGE D . 16.83 -5.29 6.36
O4 PGE D . 19.54 -8.52 7.47
C6 PGE D . 18.26 -8.24 6.88
C5 PGE D . 18.41 -7.01 6.03
O3 PGE D . 17.13 -6.50 5.70
O1 PG4 E . 10.05 18.32 0.28
C1 PG4 E . 9.56 16.99 0.45
C2 PG4 E . 8.13 17.00 0.90
O2 PG4 E . 7.83 15.76 1.53
C3 PG4 E . 6.62 15.74 2.26
C4 PG4 E . 6.67 16.68 3.42
O3 PG4 E . 6.29 16.01 4.62
C5 PG4 E . 6.08 16.96 5.67
C6 PG4 E . 7.14 18.03 5.67
O4 PG4 E . 7.14 18.76 6.88
C7 PG4 E . 8.43 19.36 7.02
C8 PG4 E . 8.56 20.57 6.15
O5 PG4 E . 9.88 20.64 5.61
#